data_9LQC
#
_entry.id   9LQC
#
_cell.length_a   66.668
_cell.length_b   121.609
_cell.length_c   72.579
_cell.angle_alpha   90.00
_cell.angle_beta   90.31
_cell.angle_gamma   90.00
#
_symmetry.space_group_name_H-M   'P 1 21 1'
#
loop_
_entity.id
_entity.type
_entity.pdbx_description
1 polymer NrN
2 non-polymer '(2~{S})-4-[[(2~{S},3~{S},4~{R},5~{R})-5-(6-aminopurin-9-yl)-3-[[(2~{R},3~{S},4~{R},5~{R})-5-(6-aminopurin-9-yl)-3,4-bis(oxidanyl)oxolan-2-yl]methoxy-oxidanyl-phosphoryl]oxy-4-oxidanyl-oxolan-2-yl]methylsulfanyl]-2-azanyl-butanoic acid'
3 water water
#
_entity_poly.entity_id   1
_entity_poly.type   'polypeptide(L)'
_entity_poly.pdbx_seq_one_letter_code
;SMQKQAKEIKKHLFLLGGHDLEMQTIVQILTDRNVIFKDRYLQWDNALLSQYEEEIQQYGNKEPFIIYGVELKEDITPPT
NYIRIDHHNEYATYPSALEQVASILDHPLNRYQTLVAANAKAYIPGMLEIGASHEEINLIRQEDRKAQGVIEDDEKLAQE
AITNGTEKIGSLYVVFTTANKFSPICDRLYPYEKLLIYTPNELIYYGKGINSIQKILKRYTPISNIFWGGGINGFIGTVR
NRLTTNEILNIVEQIKLLEL
;
_entity_poly.pdbx_strand_id   A,B,C,D
#
# COMPACT_ATOMS: atom_id res chain seq x y z
N LYS A 10 -36.87 18.53 13.31
CA LYS A 10 -36.67 17.38 14.20
C LYS A 10 -35.32 17.44 14.92
N LYS A 11 -35.38 17.42 16.25
CA LYS A 11 -34.18 17.54 17.07
C LYS A 11 -33.59 16.17 17.41
N HIS A 12 -32.26 16.11 17.46
CA HIS A 12 -31.54 14.85 17.55
C HIS A 12 -31.04 14.62 18.97
N LEU A 13 -31.33 13.44 19.49
CA LEU A 13 -30.76 12.94 20.75
C LEU A 13 -29.97 11.68 20.44
N PHE A 14 -28.70 11.67 20.84
CA PHE A 14 -27.82 10.53 20.64
C PHE A 14 -27.51 9.89 21.99
N LEU A 15 -27.67 8.58 22.08
CA LEU A 15 -27.27 7.80 23.24
C LEU A 15 -26.13 6.89 22.84
N LEU A 16 -24.97 7.05 23.48
CA LEU A 16 -23.74 6.40 23.05
C LEU A 16 -23.48 5.14 23.86
N GLY A 17 -23.07 4.08 23.17
CA GLY A 17 -22.80 2.81 23.80
C GLY A 17 -21.37 2.63 24.25
N GLY A 18 -20.81 1.45 24.00
CA GLY A 18 -19.49 1.13 24.51
C GLY A 18 -18.40 1.92 23.83
N HIS A 19 -17.34 2.23 24.58
CA HIS A 19 -16.31 3.14 24.12
C HIS A 19 -15.19 2.42 23.39
N ASP A 20 -14.70 3.08 22.34
CA ASP A 20 -13.56 2.68 21.54
C ASP A 20 -13.14 3.92 20.74
N LEU A 21 -12.20 3.75 19.82
CA LEU A 21 -11.77 4.90 19.03
C LEU A 21 -12.92 5.48 18.23
N GLU A 22 -13.82 4.63 17.73
CA GLU A 22 -14.97 5.14 17.00
C GLU A 22 -15.90 5.93 17.90
N MET A 23 -16.23 5.38 19.07
CA MET A 23 -17.14 6.08 19.98
C MET A 23 -16.51 7.35 20.50
N GLN A 24 -15.19 7.34 20.74
CA GLN A 24 -14.48 8.57 21.09
C GLN A 24 -14.58 9.60 19.96
N THR A 25 -14.39 9.15 18.71
CA THR A 25 -14.51 10.05 17.58
C THR A 25 -15.93 10.57 17.42
N ILE A 26 -16.92 9.72 17.71
CA ILE A 26 -18.31 10.15 17.65
C ILE A 26 -18.59 11.22 18.70
N VAL A 27 -18.00 11.07 19.89
CA VAL A 27 -18.16 12.10 20.92
C VAL A 27 -17.59 13.43 20.43
N GLN A 28 -16.40 13.39 19.81
CA GLN A 28 -15.78 14.61 19.32
C GLN A 28 -16.68 15.33 18.33
N ILE A 29 -17.21 14.59 17.35
CA ILE A 29 -18.04 15.20 16.32
C ILE A 29 -19.36 15.69 16.91
N LEU A 30 -19.99 14.89 17.77
CA LEU A 30 -21.21 15.33 18.42
C LEU A 30 -20.96 16.56 19.27
N THR A 31 -19.82 16.62 19.95
CA THR A 31 -19.47 17.77 20.78
C THR A 31 -19.32 19.03 19.93
N ASP A 32 -18.53 18.95 18.85
CA ASP A 32 -18.25 20.12 18.05
C ASP A 32 -19.50 20.70 17.41
N ARG A 33 -20.53 19.89 17.22
CA ARG A 33 -21.71 20.26 16.46
C ARG A 33 -22.92 20.58 17.33
N ASN A 34 -22.73 20.64 18.65
CA ASN A 34 -23.78 21.07 19.59
C ASN A 34 -25.00 20.18 19.53
N VAL A 35 -24.79 18.87 19.47
CA VAL A 35 -25.88 17.90 19.43
C VAL A 35 -26.16 17.41 20.84
N ILE A 36 -27.44 17.25 21.18
CA ILE A 36 -27.83 16.64 22.45
C ILE A 36 -27.37 15.19 22.43
N PHE A 37 -26.42 14.84 23.30
CA PHE A 37 -26.01 13.45 23.41
C PHE A 37 -25.66 13.15 24.86
N LYS A 38 -25.86 11.90 25.25
CA LYS A 38 -25.58 11.44 26.61
C LYS A 38 -24.57 10.30 26.54
N ASP A 39 -23.47 10.46 27.26
CA ASP A 39 -22.39 9.47 27.26
C ASP A 39 -22.12 9.09 28.71
N ARG A 40 -22.62 7.92 29.12
CA ARG A 40 -22.36 7.41 30.46
C ARG A 40 -21.09 6.57 30.52
N TYR A 41 -20.14 6.82 29.62
CA TYR A 41 -18.81 6.21 29.64
C TYR A 41 -18.90 4.69 29.66
N LEU A 42 -19.82 4.18 28.87
CA LEU A 42 -20.08 2.74 28.81
C LEU A 42 -18.92 2.02 28.13
N GLN A 43 -18.91 0.70 28.28
CA GLN A 43 -17.90 -0.15 27.69
C GLN A 43 -18.57 -1.22 26.83
N TRP A 44 -17.75 -2.04 26.18
CA TRP A 44 -18.27 -2.99 25.20
C TRP A 44 -19.22 -4.00 25.83
N ASP A 45 -19.09 -4.27 27.12
CA ASP A 45 -19.88 -5.32 27.75
C ASP A 45 -21.03 -4.81 28.60
N ASN A 46 -21.23 -3.49 28.68
CA ASN A 46 -22.35 -2.95 29.45
C ASN A 46 -23.17 -1.95 28.64
N ALA A 47 -23.09 -2.04 27.31
CA ALA A 47 -23.76 -1.09 26.43
C ALA A 47 -25.25 -1.43 26.34
N LEU A 48 -25.95 -1.10 27.42
CA LEU A 48 -27.37 -1.39 27.55
C LEU A 48 -28.19 -0.11 27.35
N LEU A 49 -29.30 -0.24 26.62
CA LEU A 49 -30.21 0.90 26.48
C LEU A 49 -30.78 1.30 27.84
N SER A 50 -30.95 0.34 28.76
CA SER A 50 -31.46 0.65 30.08
C SER A 50 -30.52 1.54 30.88
N GLN A 51 -29.24 1.60 30.50
CA GLN A 51 -28.34 2.59 31.10
C GLN A 51 -28.84 4.01 30.90
N TYR A 52 -29.66 4.24 29.87
CA TYR A 52 -30.26 5.53 29.58
C TYR A 52 -31.77 5.53 29.85
N GLU A 53 -32.20 4.85 30.91
CA GLU A 53 -33.63 4.81 31.23
C GLU A 53 -34.15 6.19 31.59
N GLU A 54 -33.35 6.99 32.28
CA GLU A 54 -33.77 8.35 32.61
C GLU A 54 -33.97 9.17 31.35
N GLU A 55 -33.04 9.08 30.40
CA GLU A 55 -33.16 9.84 29.16
C GLU A 55 -34.28 9.31 28.27
N ILE A 56 -34.48 7.99 28.26
CA ILE A 56 -35.61 7.42 27.51
C ILE A 56 -36.93 7.91 28.10
N GLN A 57 -36.96 8.18 29.40
CA GLN A 57 -38.18 8.64 30.05
C GLN A 57 -38.53 10.08 29.68
N GLN A 58 -37.52 10.95 29.55
CA GLN A 58 -37.77 12.36 29.29
C GLN A 58 -37.92 12.68 27.81
N TYR A 59 -37.23 11.96 26.92
CA TYR A 59 -37.30 12.24 25.50
C TYR A 59 -38.06 11.19 24.69
N GLY A 60 -38.50 10.10 25.31
CA GLY A 60 -39.14 9.03 24.57
C GLY A 60 -40.57 9.36 24.22
N ASN A 61 -40.92 9.18 22.95
CA ASN A 61 -42.27 9.45 22.44
C ASN A 61 -42.66 10.91 22.51
N LYS A 62 -41.68 11.83 22.62
CA LYS A 62 -41.92 13.26 22.51
C LYS A 62 -41.60 13.69 21.10
N GLU A 63 -42.58 14.30 20.45
CA GLU A 63 -42.58 14.49 19.00
C GLU A 63 -41.30 15.14 18.49
N PRO A 64 -40.86 16.31 19.00
CA PRO A 64 -39.72 17.02 18.36
C PRO A 64 -38.42 16.21 18.30
N PHE A 65 -38.25 15.20 19.14
CA PHE A 65 -36.98 14.51 19.29
C PHE A 65 -36.97 13.15 18.59
N ILE A 66 -35.89 12.90 17.84
CA ILE A 66 -35.53 11.56 17.38
C ILE A 66 -34.34 11.10 18.20
N ILE A 67 -34.43 9.88 18.73
CA ILE A 67 -33.39 9.33 19.59
C ILE A 67 -32.54 8.37 18.78
N TYR A 68 -31.24 8.59 18.77
CA TYR A 68 -30.29 7.73 18.06
C TYR A 68 -29.47 6.96 19.09
N GLY A 69 -29.74 5.66 19.19
CA GLY A 69 -28.97 4.80 20.07
C GLY A 69 -27.80 4.18 19.32
N VAL A 70 -26.58 4.52 19.74
CA VAL A 70 -25.38 4.12 19.01
C VAL A 70 -24.82 2.86 19.67
N GLU A 71 -25.05 1.71 19.03
CA GLU A 71 -24.52 0.42 19.46
C GLU A 71 -24.97 0.08 20.90
N LEU A 72 -26.28 0.04 21.07
CA LEU A 72 -26.90 -0.24 22.36
C LEU A 72 -27.78 -1.48 22.24
N LYS A 73 -27.58 -2.44 23.13
CA LYS A 73 -28.49 -3.57 23.21
C LYS A 73 -29.82 -3.10 23.78
N GLU A 74 -30.92 -3.48 23.11
CA GLU A 74 -32.25 -3.03 23.52
C GLU A 74 -32.82 -3.99 24.56
N ASP A 75 -32.19 -3.99 25.73
CA ASP A 75 -32.68 -4.76 26.86
C ASP A 75 -33.97 -4.20 27.44
N ILE A 76 -34.35 -2.99 27.06
CA ILE A 76 -35.67 -2.45 27.33
C ILE A 76 -36.29 -2.04 26.00
N THR A 77 -37.61 -2.05 25.96
CA THR A 77 -38.31 -1.68 24.73
C THR A 77 -38.08 -0.21 24.43
N PRO A 78 -37.49 0.14 23.28
CA PRO A 78 -37.22 1.54 22.99
C PRO A 78 -38.50 2.27 22.62
N PRO A 79 -38.54 3.60 22.79
CA PRO A 79 -39.73 4.35 22.42
C PRO A 79 -39.94 4.39 20.92
N THR A 80 -41.06 4.97 20.48
CA THR A 80 -41.36 4.97 19.05
C THR A 80 -40.49 5.95 18.27
N ASN A 81 -39.88 6.93 18.94
CA ASN A 81 -39.02 7.91 18.30
C ASN A 81 -37.54 7.52 18.35
N TYR A 82 -37.26 6.22 18.37
CA TYR A 82 -35.93 5.68 18.58
C TYR A 82 -35.44 5.01 17.31
N ILE A 83 -34.22 5.34 16.89
CA ILE A 83 -33.58 4.74 15.72
C ILE A 83 -32.27 4.10 16.16
N ARG A 84 -32.13 2.81 15.86
CA ARG A 84 -30.94 2.04 16.23
C ARG A 84 -29.80 2.36 15.25
N ILE A 85 -28.67 2.78 15.80
CA ILE A 85 -27.47 3.10 15.02
C ILE A 85 -26.43 2.05 15.39
N ASP A 86 -26.21 1.07 14.50
CA ASP A 86 -25.38 -0.07 14.82
C ASP A 86 -24.76 -0.62 13.55
N HIS A 87 -23.75 -1.48 13.73
CA HIS A 87 -23.14 -2.20 12.62
C HIS A 87 -22.84 -3.64 13.02
N HIS A 88 -23.73 -4.27 13.79
CA HIS A 88 -23.50 -5.61 14.30
C HIS A 88 -24.72 -6.50 14.03
N ASN A 89 -24.49 -7.80 14.08
CA ASN A 89 -25.54 -8.83 13.96
C ASN A 89 -26.27 -8.65 12.64
N GLU A 90 -27.56 -8.34 12.61
CA GLU A 90 -28.25 -8.17 11.33
C GLU A 90 -27.84 -6.88 10.63
N TYR A 91 -27.24 -5.92 11.36
CA TYR A 91 -26.68 -4.71 10.79
C TYR A 91 -25.20 -4.87 10.51
N ALA A 92 -24.69 -6.10 10.47
CA ALA A 92 -23.24 -6.30 10.48
C ALA A 92 -22.60 -5.84 9.18
N THR A 93 -23.36 -5.84 8.08
CA THR A 93 -22.87 -5.31 6.80
C THR A 93 -23.01 -3.81 6.66
N TYR A 94 -23.54 -3.13 7.68
CA TYR A 94 -23.78 -1.71 7.62
C TYR A 94 -22.47 -0.94 7.75
N PRO A 95 -22.45 0.33 7.32
CA PRO A 95 -21.29 1.17 7.61
C PRO A 95 -21.13 1.37 9.10
N SER A 96 -19.93 1.73 9.51
CA SER A 96 -19.63 1.91 10.91
C SER A 96 -20.51 2.99 11.52
N ALA A 97 -20.63 2.96 12.85
CA ALA A 97 -21.49 3.91 13.54
C ALA A 97 -21.04 5.34 13.29
N LEU A 98 -19.73 5.57 13.28
CA LEU A 98 -19.20 6.90 12.98
C LEU A 98 -19.69 7.39 11.62
N GLU A 99 -19.63 6.53 10.60
CA GLU A 99 -20.10 6.93 9.28
C GLU A 99 -21.59 7.25 9.30
N GLN A 100 -22.39 6.43 9.99
CA GLN A 100 -23.82 6.67 10.03
C GLN A 100 -24.14 7.94 10.81
N VAL A 101 -23.46 8.19 11.92
CA VAL A 101 -23.68 9.41 12.69
C VAL A 101 -23.32 10.63 11.86
N ALA A 102 -22.18 10.58 11.16
CA ALA A 102 -21.75 11.71 10.34
C ALA A 102 -22.77 12.00 9.23
N SER A 103 -23.34 10.95 8.64
CA SER A 103 -24.33 11.15 7.59
C SER A 103 -25.58 11.84 8.12
N ILE A 104 -26.01 11.48 9.33
CA ILE A 104 -27.18 12.10 9.94
C ILE A 104 -26.93 13.57 10.21
N LEU A 105 -25.69 13.94 10.53
CA LEU A 105 -25.32 15.31 10.85
C LEU A 105 -24.77 16.08 9.67
N ASP A 106 -24.66 15.43 8.50
CA ASP A 106 -24.00 16.01 7.33
C ASP A 106 -22.60 16.49 7.70
N HIS A 107 -21.85 15.62 8.37
CA HIS A 107 -20.46 15.90 8.72
C HIS A 107 -19.55 15.20 7.74
N PRO A 108 -18.67 15.92 7.03
CA PRO A 108 -17.67 15.25 6.20
C PRO A 108 -16.56 14.67 7.08
N LEU A 109 -16.33 13.37 6.96
CA LEU A 109 -15.26 12.73 7.72
C LEU A 109 -13.91 13.14 7.16
N ASN A 110 -13.07 13.70 8.03
CA ASN A 110 -11.71 14.02 7.61
C ASN A 110 -10.88 12.74 7.49
N ARG A 111 -9.60 12.91 7.13
CA ARG A 111 -8.76 11.76 6.81
C ARG A 111 -8.59 10.85 8.03
N TYR A 112 -8.32 11.42 9.20
CA TYR A 112 -8.17 10.63 10.41
C TYR A 112 -9.44 9.83 10.70
N GLN A 113 -10.59 10.50 10.59
CA GLN A 113 -11.85 9.85 10.95
C GLN A 113 -12.24 8.77 9.95
N THR A 114 -11.77 8.85 8.70
CA THR A 114 -11.99 7.75 7.77
C THR A 114 -11.27 6.49 8.23
N LEU A 115 -10.06 6.66 8.79
CA LEU A 115 -9.33 5.52 9.34
C LEU A 115 -10.02 4.97 10.58
N VAL A 116 -10.60 5.85 11.39
CA VAL A 116 -11.36 5.41 12.55
C VAL A 116 -12.51 4.50 12.11
N ALA A 117 -13.22 4.91 11.06
CA ALA A 117 -14.31 4.09 10.55
C ALA A 117 -13.79 2.80 9.94
N ALA A 118 -12.66 2.87 9.22
CA ALA A 118 -12.12 1.69 8.57
C ALA A 118 -11.66 0.65 9.58
N ASN A 119 -10.92 1.09 10.60
CA ASN A 119 -10.51 0.18 11.67
C ASN A 119 -11.72 -0.39 12.39
N ALA A 120 -12.74 0.43 12.63
CA ALA A 120 -13.91 -0.04 13.36
C ALA A 120 -14.65 -1.12 12.57
N LYS A 121 -14.69 -1.00 11.25
CA LYS A 121 -15.45 -1.93 10.43
C LYS A 121 -14.61 -3.10 9.94
N ALA A 122 -13.30 -2.88 9.69
CA ALA A 122 -12.48 -3.93 9.11
C ALA A 122 -11.05 -3.93 9.62
N TYR A 123 -10.81 -3.38 10.83
CA TYR A 123 -9.51 -3.52 11.49
C TYR A 123 -8.42 -2.97 10.59
N ILE A 124 -7.26 -3.60 10.58
CA ILE A 124 -6.12 -3.12 9.80
C ILE A 124 -6.34 -3.31 8.30
N PRO A 125 -6.95 -4.42 7.83
CA PRO A 125 -7.24 -4.51 6.39
C PRO A 125 -8.07 -3.35 5.87
N GLY A 126 -9.05 -2.88 6.65
CA GLY A 126 -9.86 -1.76 6.21
C GLY A 126 -9.06 -0.49 6.01
N MET A 127 -8.00 -0.30 6.78
CA MET A 127 -7.20 0.91 6.66
C MET A 127 -6.21 0.82 5.50
N LEU A 128 -5.59 -0.35 5.30
CA LEU A 128 -4.76 -0.55 4.13
C LEU A 128 -5.54 -0.34 2.85
N GLU A 129 -6.85 -0.62 2.88
CA GLU A 129 -7.70 -0.44 1.71
C GLU A 129 -7.93 1.03 1.38
N ILE A 130 -7.77 1.93 2.35
CA ILE A 130 -7.88 3.36 2.10
C ILE A 130 -6.51 4.04 2.11
N GLY A 131 -5.45 3.28 1.79
CA GLY A 131 -4.13 3.86 1.68
C GLY A 131 -3.49 4.30 2.98
N ALA A 132 -3.76 3.60 4.09
CA ALA A 132 -3.13 3.94 5.35
C ALA A 132 -1.64 3.66 5.30
N SER A 133 -0.88 4.47 6.03
CA SER A 133 0.55 4.25 6.15
C SER A 133 0.84 3.41 7.40
N HIS A 134 2.12 3.03 7.55
CA HIS A 134 2.53 2.29 8.72
C HIS A 134 2.34 3.11 10.00
N GLU A 135 2.65 4.40 9.93
CA GLU A 135 2.48 5.26 11.10
C GLU A 135 1.03 5.65 11.33
N GLU A 136 0.20 5.64 10.28
CA GLU A 136 -1.22 5.88 10.49
C GLU A 136 -1.88 4.69 11.17
N ILE A 137 -1.56 3.47 10.72
CA ILE A 137 -2.10 2.27 11.33
C ILE A 137 -1.70 2.18 12.79
N ASN A 138 -0.45 2.55 13.10
CA ASN A 138 0.05 2.38 14.47
C ASN A 138 -0.65 3.32 15.44
N LEU A 139 -0.91 4.56 15.02
CA LEU A 139 -1.59 5.52 15.91
C LEU A 139 -3.05 5.13 16.12
N ILE A 140 -3.72 4.67 15.07
CA ILE A 140 -5.11 4.22 15.19
C ILE A 140 -5.21 3.07 16.19
N ARG A 141 -4.35 2.07 16.01
CA ARG A 141 -4.42 0.88 16.86
C ARG A 141 -4.15 1.21 18.32
N GLN A 142 -3.17 2.08 18.59
CA GLN A 142 -2.88 2.47 19.96
C GLN A 142 -4.03 3.28 20.56
N GLU A 143 -4.58 4.23 19.79
CA GLU A 143 -5.71 5.00 20.28
C GLU A 143 -6.94 4.12 20.46
N ASP A 144 -7.15 3.15 19.56
CA ASP A 144 -8.28 2.24 19.69
C ASP A 144 -8.18 1.45 20.99
N ARG A 145 -7.01 0.86 21.26
CA ARG A 145 -6.84 0.06 22.47
C ARG A 145 -6.91 0.92 23.72
N LYS A 146 -6.37 2.15 23.66
CA LYS A 146 -6.43 3.04 24.82
C LYS A 146 -7.88 3.40 25.14
N ALA A 147 -8.68 3.69 24.11
CA ALA A 147 -10.09 3.99 24.31
C ALA A 147 -10.87 2.78 24.82
N GLN A 148 -10.41 1.56 24.53
CA GLN A 148 -11.05 0.38 25.11
C GLN A 148 -10.74 0.22 26.58
N GLY A 149 -9.72 0.91 27.09
CA GLY A 149 -9.28 0.70 28.45
C GLY A 149 -8.15 -0.28 28.61
N VAL A 150 -7.47 -0.63 27.52
CA VAL A 150 -6.35 -1.57 27.59
C VAL A 150 -5.20 -0.91 28.33
N ILE A 151 -4.70 -1.57 29.38
CA ILE A 151 -3.57 -1.05 30.13
C ILE A 151 -2.42 -2.04 30.11
N GLU A 152 -1.43 -1.80 30.97
CA GLU A 152 -0.17 -2.53 30.89
C GLU A 152 -0.35 -3.99 31.27
N ASP A 153 -1.22 -4.28 32.24
CA ASP A 153 -1.49 -5.67 32.60
C ASP A 153 -2.16 -6.42 31.45
N ASP A 154 -2.91 -5.71 30.61
CA ASP A 154 -3.52 -6.38 29.45
C ASP A 154 -2.46 -6.74 28.42
N GLU A 155 -1.46 -5.87 28.23
CA GLU A 155 -0.41 -6.11 27.25
C GLU A 155 0.59 -7.17 27.70
N LYS A 156 0.70 -7.42 29.01
CA LYS A 156 1.59 -8.48 29.48
C LYS A 156 0.94 -9.84 29.31
N LEU A 157 -0.32 -9.97 29.73
CA LEU A 157 -1.06 -11.20 29.48
C LEU A 157 -1.19 -11.49 27.99
N ALA A 158 -1.18 -10.44 27.16
CA ALA A 158 -1.13 -10.65 25.71
C ALA A 158 0.18 -11.33 25.31
N GLN A 159 1.31 -10.79 25.78
CA GLN A 159 2.60 -11.36 25.40
C GLN A 159 2.71 -12.81 25.84
N GLU A 160 2.21 -13.13 27.03
CA GLU A 160 2.23 -14.51 27.52
C GLU A 160 1.32 -15.41 26.68
N ALA A 161 0.17 -14.87 26.25
CA ALA A 161 -0.77 -15.67 25.47
C ALA A 161 -0.18 -16.05 24.11
N ILE A 162 0.53 -15.12 23.47
CA ILE A 162 1.17 -15.43 22.19
C ILE A 162 2.39 -16.34 22.41
N THR A 163 3.12 -16.13 23.51
CA THR A 163 4.35 -16.90 23.74
C THR A 163 4.05 -18.33 24.16
N ASN A 164 3.05 -18.53 25.03
CA ASN A 164 2.87 -19.80 25.71
C ASN A 164 1.52 -20.47 25.48
N GLY A 165 0.56 -19.80 24.86
CA GLY A 165 -0.75 -20.41 24.68
C GLY A 165 -1.28 -20.31 23.27
N THR A 166 -0.39 -20.32 22.28
CA THR A 166 -0.76 -20.10 20.89
C THR A 166 -0.28 -21.26 20.04
N GLU A 167 -1.19 -21.84 19.27
CA GLU A 167 -0.85 -22.86 18.28
C GLU A 167 -1.56 -22.51 16.97
N LYS A 168 -1.09 -23.12 15.88
CA LYS A 168 -1.61 -22.85 14.56
C LYS A 168 -2.03 -24.17 13.94
N ILE A 169 -3.29 -24.25 13.51
CA ILE A 169 -3.85 -25.44 12.88
C ILE A 169 -4.26 -25.02 11.47
N GLY A 170 -3.44 -25.36 10.50
CA GLY A 170 -3.68 -24.85 9.15
C GLY A 170 -3.49 -23.35 9.15
N SER A 171 -4.54 -22.63 8.78
CA SER A 171 -4.50 -21.17 8.69
C SER A 171 -5.13 -20.49 9.90
N LEU A 172 -5.31 -21.23 10.99
CA LEU A 172 -6.05 -20.74 12.15
C LEU A 172 -5.15 -20.66 13.36
N TYR A 173 -5.02 -19.46 13.94
CA TYR A 173 -4.36 -19.30 15.23
C TYR A 173 -5.38 -19.54 16.34
N VAL A 174 -5.02 -20.40 17.28
CA VAL A 174 -5.84 -20.66 18.46
C VAL A 174 -5.05 -20.22 19.68
N VAL A 175 -5.59 -19.25 20.41
CA VAL A 175 -4.92 -18.67 21.58
C VAL A 175 -5.85 -18.87 22.77
N PHE A 176 -5.39 -19.63 23.76
CA PHE A 176 -6.05 -19.63 25.05
C PHE A 176 -5.43 -18.56 25.93
N THR A 177 -6.29 -17.79 26.60
CA THR A 177 -5.81 -16.70 27.43
C THR A 177 -6.71 -16.55 28.64
N THR A 178 -6.15 -16.00 29.71
CA THR A 178 -6.92 -15.53 30.85
C THR A 178 -7.12 -14.03 30.82
N ALA A 179 -6.80 -13.39 29.69
CA ALA A 179 -6.89 -11.95 29.57
C ALA A 179 -8.33 -11.50 29.39
N ASN A 180 -8.57 -10.22 29.67
CA ASN A 180 -9.90 -9.66 29.55
C ASN A 180 -10.12 -9.00 28.19
N LYS A 181 -9.12 -8.31 27.67
CA LYS A 181 -9.23 -7.58 26.42
C LYS A 181 -8.34 -8.23 25.37
N PHE A 182 -8.92 -8.50 24.19
CA PHE A 182 -8.26 -9.32 23.18
C PHE A 182 -7.52 -8.52 22.11
N SER A 183 -7.83 -7.23 21.97
CA SER A 183 -7.10 -6.41 20.99
C SER A 183 -5.59 -6.41 21.18
N PRO A 184 -5.04 -6.46 22.41
CA PRO A 184 -3.58 -6.63 22.54
C PRO A 184 -3.05 -7.86 21.85
N ILE A 185 -3.79 -8.96 21.88
CA ILE A 185 -3.34 -10.20 21.26
C ILE A 185 -3.38 -10.07 19.74
N CYS A 186 -4.47 -9.49 19.22
CA CYS A 186 -4.66 -9.40 17.78
C CYS A 186 -3.52 -8.64 17.12
N ASP A 187 -3.19 -7.47 17.65
CA ASP A 187 -2.17 -6.62 17.01
C ASP A 187 -0.79 -7.25 17.06
N ARG A 188 -0.51 -8.10 18.05
CA ARG A 188 0.78 -8.78 18.07
C ARG A 188 0.82 -9.90 17.06
N LEU A 189 -0.32 -10.57 16.83
CA LEU A 189 -0.37 -11.68 15.88
C LEU A 189 -0.63 -11.25 14.46
N TYR A 190 -1.12 -10.04 14.24
CA TYR A 190 -1.42 -9.63 12.88
C TYR A 190 -0.13 -9.46 12.08
N PRO A 191 -0.10 -9.88 10.81
CA PRO A 191 -1.20 -10.45 10.02
C PRO A 191 -1.54 -11.90 10.32
N TYR A 192 -2.81 -12.24 10.15
CA TYR A 192 -3.31 -13.60 10.25
C TYR A 192 -4.53 -13.72 9.35
N GLU A 193 -4.82 -14.95 8.94
CA GLU A 193 -6.04 -15.19 8.19
C GLU A 193 -7.20 -15.58 9.10
N LYS A 194 -6.92 -16.40 10.11
CA LYS A 194 -7.93 -16.83 11.06
C LYS A 194 -7.32 -16.84 12.46
N LEU A 195 -8.03 -16.25 13.42
CA LEU A 195 -7.57 -16.15 14.79
C LEU A 195 -8.72 -16.45 15.74
N LEU A 196 -8.50 -17.42 16.63
CA LEU A 196 -9.48 -17.81 17.64
C LEU A 196 -8.87 -17.60 19.02
N ILE A 197 -9.42 -16.64 19.76
CA ILE A 197 -9.03 -16.38 21.15
C ILE A 197 -10.17 -16.84 22.04
N TYR A 198 -9.85 -17.64 23.05
CA TYR A 198 -10.87 -18.13 23.96
C TYR A 198 -10.34 -18.17 25.39
N THR A 199 -11.27 -18.05 26.33
CA THR A 199 -11.02 -18.09 27.76
C THR A 199 -11.89 -19.19 28.35
N PRO A 200 -11.84 -19.47 29.65
CA PRO A 200 -12.74 -20.49 30.21
C PRO A 200 -14.22 -20.20 30.04
N ASN A 201 -14.62 -18.98 29.71
CA ASN A 201 -16.05 -18.71 29.53
C ASN A 201 -16.31 -17.71 28.42
N GLU A 202 -15.37 -17.51 27.51
CA GLU A 202 -15.55 -16.55 26.43
C GLU A 202 -14.63 -16.93 25.29
N LEU A 203 -15.09 -16.71 24.06
CA LEU A 203 -14.27 -16.87 22.87
C LEU A 203 -14.67 -15.81 21.85
N ILE A 204 -13.69 -15.36 21.07
CA ILE A 204 -13.93 -14.45 19.96
C ILE A 204 -13.15 -14.96 18.76
N TYR A 205 -13.83 -15.05 17.62
CA TYR A 205 -13.21 -15.45 16.36
C TYR A 205 -12.99 -14.22 15.48
N TYR A 206 -11.82 -14.14 14.88
CA TYR A 206 -11.49 -13.08 13.93
C TYR A 206 -10.98 -13.73 12.64
N GLY A 207 -11.53 -13.30 11.51
CA GLY A 207 -10.94 -13.69 10.25
C GLY A 207 -11.96 -14.29 9.30
N LYS A 208 -11.46 -15.12 8.39
CA LYS A 208 -12.24 -15.58 7.25
C LYS A 208 -13.36 -16.52 7.67
N GLY A 209 -14.53 -16.34 7.06
CA GLY A 209 -15.64 -17.27 7.15
C GLY A 209 -16.39 -17.29 8.47
N ILE A 210 -16.83 -16.11 8.94
CA ILE A 210 -17.54 -16.05 10.21
C ILE A 210 -18.93 -16.68 10.12
N ASN A 211 -19.49 -16.78 8.90
CA ASN A 211 -20.81 -17.42 8.76
C ASN A 211 -20.75 -18.88 9.15
N SER A 212 -19.68 -19.58 8.78
CA SER A 212 -19.52 -20.96 9.21
C SER A 212 -19.33 -21.05 10.72
N ILE A 213 -18.76 -20.00 11.33
CA ILE A 213 -18.60 -19.99 12.78
C ILE A 213 -19.94 -19.76 13.46
N GLN A 214 -20.78 -18.90 12.89
CA GLN A 214 -22.11 -18.67 13.44
C GLN A 214 -22.92 -19.96 13.45
N LYS A 215 -22.77 -20.79 12.41
CA LYS A 215 -23.42 -22.10 12.38
C LYS A 215 -23.03 -22.93 13.59
N ILE A 216 -21.75 -22.91 13.96
CA ILE A 216 -21.28 -23.69 15.10
C ILE A 216 -21.86 -23.15 16.40
N LEU A 217 -21.79 -21.82 16.59
CA LEU A 217 -22.23 -21.22 17.85
C LEU A 217 -23.71 -21.46 18.09
N LYS A 218 -24.53 -21.44 17.03
CA LYS A 218 -25.97 -21.60 17.20
C LYS A 218 -26.36 -23.02 17.59
N ARG A 219 -25.44 -23.99 17.48
CA ARG A 219 -25.69 -25.32 18.01
C ARG A 219 -25.45 -25.42 19.50
N TYR A 220 -24.85 -24.40 20.11
CA TYR A 220 -24.46 -24.46 21.52
C TYR A 220 -25.11 -23.40 22.39
N THR A 221 -25.56 -22.29 21.83
CA THR A 221 -26.07 -21.18 22.63
C THR A 221 -27.07 -20.40 21.80
N PRO A 222 -28.06 -19.78 22.45
CA PRO A 222 -29.02 -18.96 21.69
C PRO A 222 -28.35 -17.75 21.07
N ILE A 223 -28.98 -17.24 20.01
CA ILE A 223 -28.42 -16.15 19.21
C ILE A 223 -28.22 -14.89 20.05
N SER A 224 -28.89 -14.78 21.20
CA SER A 224 -28.76 -13.61 22.05
C SER A 224 -27.43 -13.57 22.80
N ASN A 225 -26.68 -14.67 22.80
CA ASN A 225 -25.35 -14.72 23.37
C ASN A 225 -24.26 -14.57 22.30
N ILE A 226 -24.65 -14.23 21.07
CA ILE A 226 -23.74 -14.16 19.94
C ILE A 226 -23.78 -12.76 19.36
N PHE A 227 -22.61 -12.15 19.19
CA PHE A 227 -22.48 -10.89 18.48
C PHE A 227 -21.47 -11.06 17.36
N TRP A 228 -21.66 -10.30 16.28
CA TRP A 228 -20.71 -10.32 15.19
C TRP A 228 -20.80 -9.02 14.40
N GLY A 229 -19.73 -8.74 13.65
CA GLY A 229 -19.66 -7.53 12.84
C GLY A 229 -18.73 -7.72 11.66
N GLY A 230 -18.94 -6.91 10.62
CA GLY A 230 -18.15 -6.99 9.41
C GLY A 230 -18.53 -8.19 8.55
N GLY A 231 -17.89 -8.28 7.39
CA GLY A 231 -18.09 -9.39 6.49
C GLY A 231 -17.21 -10.57 6.88
N ILE A 232 -17.04 -11.49 5.93
CA ILE A 232 -15.92 -12.41 6.00
C ILE A 232 -14.70 -11.58 6.26
N ASN A 233 -13.82 -12.12 7.11
CA ASN A 233 -12.72 -11.35 7.70
C ASN A 233 -13.26 -10.34 8.70
N GLY A 234 -14.41 -10.66 9.28
CA GLY A 234 -14.90 -9.94 10.43
C GLY A 234 -14.77 -10.75 11.72
N PHE A 235 -15.55 -10.43 12.75
CA PHE A 235 -15.45 -11.13 14.02
C PHE A 235 -16.80 -11.67 14.41
N ILE A 236 -16.79 -12.74 15.20
CA ILE A 236 -17.99 -13.27 15.83
C ILE A 236 -17.59 -13.86 17.18
N GLY A 237 -18.39 -13.58 18.21
CA GLY A 237 -18.02 -14.01 19.54
C GLY A 237 -19.23 -14.30 20.40
N THR A 238 -18.94 -14.74 21.62
CA THR A 238 -19.94 -15.07 22.62
C THR A 238 -19.81 -14.13 23.81
N VAL A 239 -20.95 -13.81 24.43
CA VAL A 239 -20.96 -12.96 25.59
C VAL A 239 -20.29 -13.69 26.76
N ARG A 240 -19.50 -12.96 27.53
CA ARG A 240 -18.75 -13.55 28.63
C ARG A 240 -19.69 -14.15 29.67
N ASN A 241 -19.30 -15.32 30.19
CA ASN A 241 -19.98 -16.00 31.29
C ASN A 241 -21.37 -16.50 30.92
N ARG A 242 -21.69 -16.59 29.64
CA ARG A 242 -22.93 -17.19 29.19
C ARG A 242 -22.77 -18.65 28.77
N LEU A 243 -21.54 -19.10 28.59
CA LEU A 243 -21.23 -20.47 28.18
C LEU A 243 -20.28 -21.09 29.18
N THR A 244 -20.45 -22.38 29.43
CA THR A 244 -19.55 -23.08 30.33
C THR A 244 -18.19 -23.31 29.67
N THR A 245 -17.20 -23.65 30.51
CA THR A 245 -15.88 -23.95 29.98
C THR A 245 -15.93 -25.11 28.99
N ASN A 246 -16.71 -26.14 29.30
CA ASN A 246 -16.81 -27.29 28.41
C ASN A 246 -17.48 -26.91 27.09
N GLU A 247 -18.46 -26.00 27.15
CA GLU A 247 -19.12 -25.54 25.93
C GLU A 247 -18.14 -24.78 25.04
N ILE A 248 -17.30 -23.93 25.64
CA ILE A 248 -16.29 -23.22 24.86
C ILE A 248 -15.30 -24.20 24.25
N LEU A 249 -14.76 -25.11 25.09
CA LEU A 249 -13.79 -26.08 24.59
C LEU A 249 -14.36 -26.93 23.47
N ASN A 250 -15.65 -27.29 23.57
CA ASN A 250 -16.29 -28.02 22.47
C ASN A 250 -16.34 -27.17 21.21
N ILE A 251 -16.71 -25.90 21.35
CA ILE A 251 -16.77 -25.01 20.20
C ILE A 251 -15.39 -24.83 19.59
N VAL A 252 -14.36 -24.72 20.43
CA VAL A 252 -13.00 -24.58 19.93
C VAL A 252 -12.62 -25.77 19.05
N GLU A 253 -13.00 -26.98 19.46
CA GLU A 253 -12.72 -28.14 18.63
C GLU A 253 -13.49 -28.08 17.31
N GLN A 254 -14.73 -27.60 17.36
CA GLN A 254 -15.54 -27.51 16.14
C GLN A 254 -14.95 -26.51 15.16
N ILE A 255 -14.47 -25.37 15.67
CA ILE A 255 -13.81 -24.39 14.83
C ILE A 255 -12.51 -24.96 14.26
N LYS A 256 -11.78 -25.74 15.06
CA LYS A 256 -10.57 -26.36 14.55
C LYS A 256 -10.88 -27.39 13.47
N LEU A 257 -12.05 -28.02 13.54
CA LEU A 257 -12.42 -29.03 12.56
C LEU A 257 -12.63 -28.45 11.17
N LEU A 258 -12.94 -27.16 11.08
CA LEU A 258 -13.06 -26.50 9.78
C LEU A 258 -11.74 -26.44 9.01
N GLU A 259 -10.62 -26.65 9.69
CA GLU A 259 -9.32 -26.67 9.02
C GLU A 259 -8.90 -28.08 8.59
N LEU A 260 -9.60 -29.11 9.05
CA LEU A 260 -9.26 -30.49 8.69
C LEU A 260 -10.20 -31.02 7.62
N LYS B 10 49.23 -5.79 23.90
CA LYS B 10 48.92 -5.73 22.47
C LYS B 10 47.75 -4.79 22.21
N LYS B 11 47.93 -3.93 21.20
CA LYS B 11 46.95 -2.91 20.86
C LYS B 11 46.01 -3.42 19.77
N HIS B 12 44.76 -2.97 19.84
CA HIS B 12 43.69 -3.49 18.99
C HIS B 12 43.37 -2.49 17.88
N LEU B 13 43.30 -3.00 16.65
CA LEU B 13 42.77 -2.27 15.51
C LEU B 13 41.63 -3.09 14.90
N PHE B 14 40.47 -2.45 14.75
CA PHE B 14 39.29 -3.11 14.22
C PHE B 14 38.94 -2.53 12.85
N LEU B 15 38.68 -3.41 11.89
CA LEU B 15 38.24 -3.02 10.55
C LEU B 15 36.86 -3.62 10.34
N LEU B 16 35.89 -2.76 9.99
CA LEU B 16 34.49 -3.14 10.01
C LEU B 16 33.96 -3.44 8.61
N GLY B 17 33.11 -4.46 8.53
CA GLY B 17 32.48 -4.83 7.29
C GLY B 17 31.17 -4.13 7.03
N GLY B 18 30.22 -4.82 6.40
CA GLY B 18 28.98 -4.19 6.01
C GLY B 18 28.12 -3.78 7.19
N HIS B 19 27.38 -2.69 7.00
CA HIS B 19 26.65 -2.07 8.09
C HIS B 19 25.26 -2.66 8.26
N ASP B 20 24.94 -2.97 9.51
CA ASP B 20 23.62 -3.40 9.94
C ASP B 20 23.50 -3.02 11.41
N LEU B 21 22.40 -3.42 12.04
CA LEU B 21 22.24 -3.15 13.47
C LEU B 21 23.39 -3.72 14.27
N GLU B 22 23.87 -4.91 13.87
CA GLU B 22 25.02 -5.52 14.53
C GLU B 22 26.27 -4.64 14.40
N MET B 23 26.59 -4.20 13.18
CA MET B 23 27.81 -3.42 12.99
C MET B 23 27.71 -2.07 13.69
N GLN B 24 26.53 -1.44 13.68
CA GLN B 24 26.38 -0.13 14.32
C GLN B 24 26.53 -0.26 15.83
N THR B 25 25.99 -1.33 16.42
CA THR B 25 26.20 -1.57 17.84
C THR B 25 27.69 -1.76 18.14
N ILE B 26 28.41 -2.39 17.21
CA ILE B 26 29.86 -2.53 17.36
C ILE B 26 30.54 -1.17 17.30
N VAL B 27 30.08 -0.29 16.40
CA VAL B 27 30.61 1.07 16.35
C VAL B 27 30.36 1.79 17.68
N GLN B 28 29.16 1.64 18.22
CA GLN B 28 28.84 2.26 19.49
C GLN B 28 29.73 1.74 20.62
N ILE B 29 30.03 0.45 20.59
CA ILE B 29 30.84 -0.15 21.64
C ILE B 29 32.31 0.18 21.46
N LEU B 30 32.80 0.17 20.22
CA LEU B 30 34.18 0.56 19.96
C LEU B 30 34.40 2.04 20.27
N THR B 31 33.39 2.87 19.99
CA THR B 31 33.48 4.29 20.31
C THR B 31 33.64 4.51 21.81
N ASP B 32 32.76 3.88 22.60
CA ASP B 32 32.75 4.14 24.04
C ASP B 32 34.02 3.65 24.72
N ARG B 33 34.72 2.69 24.13
CA ARG B 33 35.86 2.05 24.76
C ARG B 33 37.20 2.57 24.26
N ASN B 34 37.20 3.59 23.39
CA ASN B 34 38.43 4.24 22.92
C ASN B 34 39.32 3.29 22.13
N VAL B 35 38.72 2.47 21.27
CA VAL B 35 39.46 1.47 20.52
C VAL B 35 39.78 2.01 19.13
N ILE B 36 40.98 1.72 18.63
CA ILE B 36 41.33 2.07 17.26
C ILE B 36 40.48 1.21 16.33
N PHE B 37 39.59 1.85 15.57
CA PHE B 37 38.79 1.12 14.60
C PHE B 37 38.58 1.98 13.36
N LYS B 38 38.43 1.30 12.22
CA LYS B 38 38.25 1.96 10.93
C LYS B 38 36.91 1.55 10.35
N ASP B 39 36.08 2.52 10.01
CA ASP B 39 34.73 2.30 9.51
C ASP B 39 34.52 3.12 8.25
N ARG B 40 34.51 2.46 7.09
CA ARG B 40 34.28 3.10 5.81
C ARG B 40 32.83 3.00 5.36
N TYR B 41 31.90 2.78 6.30
CA TYR B 41 30.47 2.76 6.01
C TYR B 41 30.14 1.79 4.88
N LEU B 42 30.81 0.63 4.90
CA LEU B 42 30.61 -0.38 3.89
C LEU B 42 29.25 -1.05 4.08
N GLN B 43 28.84 -1.80 3.07
CA GLN B 43 27.61 -2.57 3.10
C GLN B 43 27.92 -4.04 2.82
N TRP B 44 26.87 -4.85 2.76
CA TRP B 44 27.03 -6.30 2.79
C TRP B 44 27.79 -6.83 1.59
N ASP B 45 27.71 -6.15 0.44
CA ASP B 45 28.28 -6.69 -0.79
C ASP B 45 29.56 -5.98 -1.21
N ASN B 46 30.07 -5.03 -0.42
CA ASN B 46 31.37 -4.42 -0.68
C ASN B 46 32.28 -4.52 0.55
N ALA B 47 32.05 -5.52 1.40
CA ALA B 47 32.85 -5.70 2.63
C ALA B 47 34.12 -6.47 2.28
N LEU B 48 35.04 -5.76 1.63
CA LEU B 48 36.31 -6.33 1.19
C LEU B 48 37.42 -5.88 2.11
N LEU B 49 38.34 -6.80 2.42
CA LEU B 49 39.52 -6.43 3.19
C LEU B 49 40.36 -5.39 2.45
N SER B 50 40.32 -5.41 1.12
CA SER B 50 41.05 -4.41 0.33
C SER B 50 40.51 -3.00 0.54
N GLN B 51 39.27 -2.87 1.03
CA GLN B 51 38.77 -1.55 1.40
C GLN B 51 39.65 -0.87 2.43
N TYR B 52 40.43 -1.64 3.18
CA TYR B 52 41.29 -1.13 4.25
C TYR B 52 42.75 -1.43 3.95
N GLU B 53 43.13 -1.28 2.67
CA GLU B 53 44.49 -1.62 2.27
C GLU B 53 45.51 -0.69 2.90
N GLU B 54 45.21 0.61 2.95
CA GLU B 54 46.12 1.57 3.58
C GLU B 54 46.35 1.24 5.05
N GLU B 55 45.28 0.89 5.77
CA GLU B 55 45.42 0.50 7.17
C GLU B 55 46.16 -0.83 7.31
N ILE B 56 45.95 -1.75 6.36
CA ILE B 56 46.73 -2.98 6.35
C ILE B 56 48.21 -2.68 6.14
N GLN B 57 48.51 -1.57 5.47
CA GLN B 57 49.90 -1.22 5.20
C GLN B 57 50.55 -0.55 6.41
N GLN B 58 49.82 0.29 7.13
CA GLN B 58 50.40 0.99 8.28
C GLN B 58 50.52 0.09 9.50
N TYR B 59 49.51 -0.73 9.76
CA TYR B 59 49.46 -1.55 10.97
C TYR B 59 49.70 -3.03 10.73
N GLY B 60 49.72 -3.47 9.47
CA GLY B 60 49.94 -4.88 9.17
C GLY B 60 51.38 -5.28 9.43
N ASN B 61 51.56 -6.40 10.11
CA ASN B 61 52.85 -6.94 10.49
C ASN B 61 53.65 -6.02 11.42
N LYS B 62 52.98 -5.10 12.10
CA LYS B 62 53.60 -4.28 13.12
C LYS B 62 53.27 -4.85 14.48
N GLU B 63 54.31 -5.06 15.29
CA GLU B 63 54.24 -6.00 16.41
C GLU B 63 53.19 -5.65 17.46
N PRO B 64 53.10 -4.42 17.98
CA PRO B 64 52.14 -4.17 19.06
C PRO B 64 50.68 -4.39 18.66
N PHE B 65 50.37 -4.40 17.37
CA PHE B 65 49.00 -4.31 16.92
C PHE B 65 48.44 -5.68 16.56
N ILE B 66 47.18 -5.89 16.95
CA ILE B 66 46.37 -6.99 16.45
C ILE B 66 45.23 -6.40 15.64
N ILE B 67 45.07 -6.88 14.42
CA ILE B 67 44.05 -6.36 13.52
C ILE B 67 42.90 -7.36 13.49
N TYR B 68 41.71 -6.88 13.85
CA TYR B 68 40.50 -7.69 13.85
C TYR B 68 39.63 -7.26 12.68
N GLY B 69 39.53 -8.13 11.67
CA GLY B 69 38.66 -7.88 10.55
C GLY B 69 37.25 -8.39 10.80
N VAL B 70 36.30 -7.48 10.93
CA VAL B 70 34.94 -7.83 11.34
C VAL B 70 34.10 -8.01 10.08
N GLU B 71 33.82 -9.28 9.73
CA GLU B 71 32.99 -9.64 8.58
C GLU B 71 33.52 -9.01 7.29
N LEU B 72 34.79 -9.25 7.00
CA LEU B 72 35.43 -8.73 5.82
C LEU B 72 35.92 -9.88 4.94
N LYS B 73 35.55 -9.82 3.66
CA LYS B 73 36.07 -10.79 2.71
C LYS B 73 37.55 -10.54 2.46
N GLU B 74 38.34 -11.61 2.53
CA GLU B 74 39.79 -11.49 2.41
C GLU B 74 40.21 -11.64 0.95
N ASP B 75 39.86 -10.63 0.15
CA ASP B 75 40.28 -10.62 -1.24
C ASP B 75 41.77 -10.29 -1.40
N ILE B 76 42.43 -9.81 -0.34
CA ILE B 76 43.87 -9.67 -0.30
C ILE B 76 44.39 -10.49 0.87
N THR B 77 45.64 -10.92 0.77
CA THR B 77 46.23 -11.75 1.81
C THR B 77 46.40 -10.94 3.09
N PRO B 78 45.81 -11.35 4.20
CA PRO B 78 45.90 -10.56 5.43
C PRO B 78 47.29 -10.69 6.04
N PRO B 79 47.71 -9.71 6.86
CA PRO B 79 49.02 -9.80 7.50
C PRO B 79 49.07 -10.89 8.56
N THR B 80 50.24 -11.02 9.23
CA THR B 80 50.39 -12.07 10.23
C THR B 80 49.63 -11.76 11.51
N ASN B 81 49.44 -10.47 11.81
CA ASN B 81 48.78 -10.03 13.05
C ASN B 81 47.29 -9.78 12.85
N TYR B 82 46.65 -10.49 11.93
CA TYR B 82 45.26 -10.29 11.57
C TYR B 82 44.42 -11.46 12.06
N ILE B 83 43.33 -11.16 12.75
CA ILE B 83 42.38 -12.17 13.21
C ILE B 83 41.03 -11.87 12.57
N ARG B 84 40.49 -12.86 11.86
CA ARG B 84 39.20 -12.70 11.19
C ARG B 84 38.08 -12.86 12.21
N ILE B 85 37.22 -11.84 12.31
CA ILE B 85 36.06 -11.86 13.20
C ILE B 85 34.84 -12.00 12.31
N ASP B 86 34.26 -13.20 12.28
CA ASP B 86 33.19 -13.49 11.32
C ASP B 86 32.29 -14.56 11.90
N HIS B 87 31.11 -14.71 11.28
CA HIS B 87 30.18 -15.78 11.61
C HIS B 87 29.49 -16.31 10.36
N HIS B 88 30.19 -16.29 9.23
CA HIS B 88 29.64 -16.76 7.96
C HIS B 88 30.48 -17.91 7.42
N ASN B 89 29.85 -18.72 6.56
CA ASN B 89 30.50 -19.84 5.89
C ASN B 89 31.21 -20.74 6.91
N GLU B 90 32.54 -20.84 6.86
CA GLU B 90 33.25 -21.66 7.82
C GLU B 90 32.89 -21.31 9.26
N TYR B 91 32.49 -20.07 9.52
CA TYR B 91 32.22 -19.57 10.86
C TYR B 91 30.72 -19.49 11.15
N ALA B 92 29.90 -20.19 10.35
CA ALA B 92 28.45 -20.02 10.44
C ALA B 92 27.90 -20.42 11.80
N THR B 93 28.54 -21.37 12.46
CA THR B 93 28.11 -21.81 13.79
C THR B 93 28.71 -20.96 14.91
N TYR B 94 29.52 -19.96 14.57
CA TYR B 94 30.19 -19.16 15.59
C TYR B 94 29.25 -18.10 16.17
N PRO B 95 29.51 -17.63 17.38
CA PRO B 95 28.70 -16.56 17.95
C PRO B 95 28.81 -15.29 17.12
N SER B 96 27.83 -14.38 17.31
CA SER B 96 27.76 -13.17 16.51
C SER B 96 29.06 -12.37 16.54
N ALA B 97 29.29 -11.56 15.50
CA ALA B 97 30.45 -10.69 15.50
C ALA B 97 30.46 -9.76 16.69
N LEU B 98 29.28 -9.29 17.11
CA LEU B 98 29.17 -8.43 18.29
C LEU B 98 29.71 -9.13 19.53
N GLU B 99 29.23 -10.35 19.80
CA GLU B 99 29.65 -11.08 20.99
C GLU B 99 31.15 -11.32 20.98
N GLN B 100 31.71 -11.65 19.82
CA GLN B 100 33.15 -11.83 19.73
C GLN B 100 33.88 -10.52 20.02
N VAL B 101 33.44 -9.42 19.40
CA VAL B 101 34.05 -8.12 19.66
C VAL B 101 33.92 -7.75 21.13
N ALA B 102 32.75 -7.97 21.72
CA ALA B 102 32.54 -7.63 23.12
C ALA B 102 33.44 -8.47 24.03
N SER B 103 33.65 -9.74 23.69
CA SER B 103 34.51 -10.59 24.50
C SER B 103 35.97 -10.13 24.44
N ILE B 104 36.44 -9.75 23.25
CA ILE B 104 37.81 -9.24 23.13
C ILE B 104 38.01 -8.03 24.03
N LEU B 105 36.98 -7.20 24.16
CA LEU B 105 37.03 -6.03 25.02
C LEU B 105 36.48 -6.28 26.42
N ASP B 106 36.07 -7.52 26.72
CA ASP B 106 35.44 -7.85 27.99
C ASP B 106 34.21 -6.97 28.23
N HIS B 107 33.38 -6.80 27.19
CA HIS B 107 32.23 -5.94 27.30
C HIS B 107 30.98 -6.76 27.56
N PRO B 108 30.25 -6.51 28.65
CA PRO B 108 28.98 -7.21 28.88
C PRO B 108 27.90 -6.62 27.99
N LEU B 109 27.24 -7.48 27.20
CA LEU B 109 26.15 -7.03 26.36
C LEU B 109 24.90 -6.79 27.21
N ASN B 110 24.34 -5.60 27.13
CA ASN B 110 23.11 -5.30 27.85
C ASN B 110 21.93 -5.99 27.14
N ARG B 111 20.72 -5.74 27.64
CA ARG B 111 19.54 -6.41 27.10
C ARG B 111 19.34 -6.08 25.63
N TYR B 112 19.46 -4.81 25.26
CA TYR B 112 19.32 -4.42 23.87
C TYR B 112 20.37 -5.09 22.99
N GLN B 113 21.63 -5.04 23.44
CA GLN B 113 22.73 -5.59 22.64
C GLN B 113 22.64 -7.11 22.51
N THR B 114 22.11 -7.79 23.52
CA THR B 114 21.89 -9.23 23.40
C THR B 114 20.81 -9.53 22.36
N LEU B 115 19.79 -8.68 22.28
CA LEU B 115 18.77 -8.84 21.24
C LEU B 115 19.35 -8.55 19.86
N VAL B 116 20.26 -7.58 19.77
CA VAL B 116 20.97 -7.36 18.51
C VAL B 116 21.81 -8.57 18.16
N ALA B 117 22.51 -9.14 19.14
CA ALA B 117 23.32 -10.33 18.90
C ALA B 117 22.46 -11.52 18.51
N ALA B 118 21.34 -11.72 19.20
CA ALA B 118 20.46 -12.83 18.86
C ALA B 118 19.83 -12.64 17.50
N ASN B 119 19.40 -11.41 17.17
CA ASN B 119 18.83 -11.16 15.85
C ASN B 119 19.87 -11.35 14.76
N ALA B 120 21.13 -11.02 15.04
CA ALA B 120 22.17 -11.11 14.02
C ALA B 120 22.40 -12.56 13.59
N LYS B 121 22.43 -13.48 14.54
CA LYS B 121 22.68 -14.90 14.28
C LYS B 121 21.45 -15.67 13.85
N ALA B 122 20.28 -15.37 14.43
CA ALA B 122 19.12 -16.22 14.20
C ALA B 122 17.84 -15.38 14.23
N TYR B 123 17.89 -14.13 13.77
CA TYR B 123 16.75 -13.35 13.30
C TYR B 123 15.68 -13.35 14.41
N ILE B 124 14.40 -13.46 14.06
CA ILE B 124 13.32 -13.43 15.04
C ILE B 124 13.29 -14.71 15.88
N PRO B 125 13.49 -15.91 15.30
CA PRO B 125 13.60 -17.10 16.16
C PRO B 125 14.66 -16.99 17.24
N GLY B 126 15.80 -16.40 16.93
CA GLY B 126 16.85 -16.22 17.93
C GLY B 126 16.46 -15.30 19.05
N MET B 127 15.66 -14.27 18.76
CA MET B 127 15.25 -13.34 19.80
C MET B 127 14.17 -13.92 20.69
N LEU B 128 13.27 -14.75 20.15
CA LEU B 128 12.26 -15.41 21.00
C LEU B 128 12.91 -16.35 22.00
N GLU B 129 14.11 -16.86 21.69
CA GLU B 129 14.80 -17.75 22.63
C GLU B 129 15.32 -17.00 23.85
N ILE B 130 15.56 -15.70 23.75
CA ILE B 130 15.96 -14.90 24.90
C ILE B 130 14.77 -14.10 25.44
N GLY B 131 13.55 -14.53 25.15
CA GLY B 131 12.37 -13.90 25.74
C GLY B 131 12.05 -12.53 25.19
N ALA B 132 12.34 -12.28 23.91
CA ALA B 132 12.00 -11.01 23.30
C ALA B 132 10.49 -10.80 23.28
N SER B 133 10.08 -9.56 23.56
CA SER B 133 8.68 -9.20 23.49
C SER B 133 8.33 -8.78 22.06
N HIS B 134 7.04 -8.53 21.83
CA HIS B 134 6.60 -8.06 20.52
C HIS B 134 7.20 -6.70 20.20
N GLU B 135 7.31 -5.84 21.23
CA GLU B 135 7.93 -4.53 21.03
C GLU B 135 9.43 -4.64 20.82
N GLU B 136 10.09 -5.61 21.46
CA GLU B 136 11.53 -5.75 21.27
C GLU B 136 11.85 -6.31 19.89
N ILE B 137 11.06 -7.28 19.42
CA ILE B 137 11.25 -7.83 18.08
C ILE B 137 11.03 -6.75 17.02
N ASN B 138 9.98 -5.95 17.18
CA ASN B 138 9.68 -4.91 16.20
C ASN B 138 10.76 -3.84 16.19
N LEU B 139 11.24 -3.42 17.36
CA LEU B 139 12.28 -2.39 17.42
C LEU B 139 13.58 -2.89 16.79
N ILE B 140 13.97 -4.13 17.08
CA ILE B 140 15.21 -4.66 16.53
C ILE B 140 15.10 -4.77 15.01
N ARG B 141 13.99 -5.34 14.52
CA ARG B 141 13.81 -5.55 13.09
C ARG B 141 13.86 -4.23 12.32
N GLN B 142 13.18 -3.20 12.83
CA GLN B 142 13.15 -1.93 12.12
C GLN B 142 14.52 -1.27 12.09
N GLU B 143 15.24 -1.28 13.22
CA GLU B 143 16.58 -0.71 13.23
C GLU B 143 17.52 -1.48 12.31
N ASP B 144 17.34 -2.80 12.22
CA ASP B 144 18.15 -3.59 11.30
C ASP B 144 17.89 -3.17 9.86
N ARG B 145 16.61 -3.03 9.50
CA ARG B 145 16.24 -2.55 8.18
C ARG B 145 16.81 -1.16 7.90
N LYS B 146 16.76 -0.27 8.89
CA LYS B 146 17.28 1.08 8.72
C LYS B 146 18.80 1.06 8.53
N ALA B 147 19.49 0.25 9.32
CA ALA B 147 20.94 0.18 9.22
C ALA B 147 21.40 -0.49 7.94
N GLN B 148 20.59 -1.40 7.38
CA GLN B 148 20.89 -1.99 6.09
C GLN B 148 20.63 -1.03 4.94
N GLY B 149 19.85 0.01 5.17
CA GLY B 149 19.58 0.99 4.14
C GLY B 149 18.30 0.78 3.36
N VAL B 150 17.38 -0.03 3.86
CA VAL B 150 16.09 -0.18 3.17
C VAL B 150 15.31 1.12 3.35
N ILE B 151 14.81 1.65 2.24
CA ILE B 151 14.02 2.87 2.26
C ILE B 151 12.65 2.51 1.71
N GLU B 152 11.83 3.54 1.45
CA GLU B 152 10.42 3.29 1.13
C GLU B 152 10.26 2.58 -0.21
N ASP B 153 11.13 2.86 -1.18
CA ASP B 153 11.09 2.13 -2.44
C ASP B 153 11.44 0.66 -2.25
N ASP B 154 12.22 0.34 -1.22
CA ASP B 154 12.51 -1.07 -0.94
C ASP B 154 11.33 -1.76 -0.28
N GLU B 155 10.63 -1.06 0.61
CA GLU B 155 9.51 -1.65 1.33
C GLU B 155 8.29 -1.84 0.44
N LYS B 156 8.14 -1.05 -0.61
CA LYS B 156 7.00 -1.23 -1.51
C LYS B 156 7.24 -2.39 -2.46
N LEU B 157 8.45 -2.51 -3.00
CA LEU B 157 8.81 -3.69 -3.78
C LEU B 157 8.59 -4.98 -3.00
N ALA B 158 8.74 -4.93 -1.67
CA ALA B 158 8.53 -6.10 -0.85
C ALA B 158 7.06 -6.50 -0.83
N GLN B 159 6.18 -5.53 -0.60
CA GLN B 159 4.75 -5.82 -0.62
C GLN B 159 4.30 -6.25 -2.01
N GLU B 160 4.93 -5.72 -3.06
CA GLU B 160 4.54 -6.09 -4.42
C GLU B 160 4.98 -7.51 -4.75
N ALA B 161 6.19 -7.90 -4.35
CA ALA B 161 6.65 -9.26 -4.58
C ALA B 161 5.80 -10.27 -3.82
N ILE B 162 5.37 -9.92 -2.60
CA ILE B 162 4.54 -10.82 -1.82
C ILE B 162 3.13 -10.89 -2.39
N THR B 163 2.68 -9.81 -3.05
CA THR B 163 1.31 -9.78 -3.57
C THR B 163 1.17 -10.62 -4.84
N ASN B 164 2.10 -10.48 -5.79
CA ASN B 164 1.96 -11.11 -7.09
C ASN B 164 3.12 -12.03 -7.47
N GLY B 165 4.18 -12.09 -6.67
CA GLY B 165 5.33 -12.90 -7.04
C GLY B 165 5.70 -13.94 -6.01
N THR B 166 4.74 -14.36 -5.19
CA THR B 166 4.98 -15.32 -4.12
C THR B 166 4.10 -16.55 -4.32
N GLU B 167 4.73 -17.72 -4.30
CA GLU B 167 4.05 -18.99 -4.35
C GLU B 167 4.48 -19.83 -3.14
N LYS B 168 3.59 -20.69 -2.66
CA LYS B 168 3.91 -21.58 -1.55
C LYS B 168 3.84 -23.01 -2.04
N ILE B 169 4.96 -23.73 -1.91
CA ILE B 169 5.09 -25.11 -2.37
C ILE B 169 5.48 -25.95 -1.17
N GLY B 170 4.49 -26.61 -0.56
CA GLY B 170 4.73 -27.30 0.68
C GLY B 170 4.99 -26.29 1.79
N SER B 171 6.15 -26.42 2.44
CA SER B 171 6.55 -25.54 3.53
C SER B 171 7.52 -24.47 3.08
N LEU B 172 7.65 -24.24 1.78
CA LEU B 172 8.64 -23.31 1.22
C LEU B 172 7.91 -22.18 0.50
N TYR B 173 8.15 -20.96 0.94
CA TYR B 173 7.70 -19.78 0.21
C TYR B 173 8.73 -19.40 -0.84
N VAL B 174 8.28 -19.25 -2.09
CA VAL B 174 9.12 -18.83 -3.19
C VAL B 174 8.65 -17.45 -3.62
N VAL B 175 9.54 -16.47 -3.52
CA VAL B 175 9.22 -15.07 -3.81
C VAL B 175 10.16 -14.59 -4.89
N PHE B 176 9.62 -14.24 -6.06
CA PHE B 176 10.38 -13.57 -7.08
C PHE B 176 10.25 -12.06 -6.89
N THR B 177 11.37 -11.35 -7.00
CA THR B 177 11.36 -9.92 -6.82
C THR B 177 12.47 -9.30 -7.67
N THR B 178 12.28 -8.03 -8.00
CA THR B 178 13.32 -7.20 -8.58
C THR B 178 13.93 -6.26 -7.55
N ALA B 179 13.66 -6.49 -6.27
CA ALA B 179 14.11 -5.62 -5.20
C ALA B 179 15.59 -5.84 -4.91
N ASN B 180 16.20 -4.83 -4.27
CA ASN B 180 17.61 -4.88 -3.85
C ASN B 180 17.75 -5.45 -2.45
N LYS B 181 16.91 -5.03 -1.52
CA LYS B 181 17.03 -5.41 -0.12
C LYS B 181 15.85 -6.30 0.27
N PHE B 182 16.16 -7.46 0.85
CA PHE B 182 15.17 -8.51 1.05
C PHE B 182 14.62 -8.58 2.46
N SER B 183 15.26 -7.92 3.43
CA SER B 183 14.74 -7.95 4.79
C SER B 183 13.29 -7.47 4.90
N PRO B 184 12.82 -6.47 4.13
CA PRO B 184 11.38 -6.15 4.20
C PRO B 184 10.49 -7.31 3.77
N ILE B 185 10.95 -8.15 2.84
CA ILE B 185 10.13 -9.30 2.45
C ILE B 185 10.08 -10.32 3.57
N CYS B 186 11.22 -10.58 4.22
CA CYS B 186 11.27 -11.50 5.35
C CYS B 186 10.34 -11.05 6.47
N ASP B 187 10.39 -9.75 6.80
CA ASP B 187 9.60 -9.24 7.92
C ASP B 187 8.11 -9.34 7.64
N ARG B 188 7.69 -9.19 6.39
CA ARG B 188 6.27 -9.30 6.08
C ARG B 188 5.81 -10.75 6.06
N LEU B 189 6.68 -11.68 5.67
CA LEU B 189 6.28 -13.08 5.53
C LEU B 189 6.49 -13.89 6.81
N TYR B 190 7.35 -13.46 7.72
CA TYR B 190 7.53 -14.20 8.95
C TYR B 190 6.24 -14.14 9.78
N PRO B 191 5.84 -15.24 10.43
CA PRO B 191 6.53 -16.54 10.54
C PRO B 191 6.52 -17.39 9.28
N TYR B 192 7.64 -18.05 9.03
CA TYR B 192 7.76 -19.03 7.96
C TYR B 192 8.79 -20.08 8.39
N GLU B 193 8.69 -21.26 7.78
CA GLU B 193 9.67 -22.31 8.03
C GLU B 193 10.80 -22.25 7.01
N LYS B 194 10.46 -22.13 5.73
CA LYS B 194 11.43 -22.03 4.65
C LYS B 194 10.98 -20.93 3.71
N LEU B 195 11.96 -20.18 3.19
CA LEU B 195 11.64 -19.06 2.33
C LEU B 195 12.72 -18.87 1.29
N LEU B 196 12.31 -18.79 0.02
CA LEU B 196 13.24 -18.67 -1.09
C LEU B 196 12.94 -17.39 -1.86
N ILE B 197 13.90 -16.47 -1.86
CA ILE B 197 13.83 -15.24 -2.63
C ILE B 197 14.90 -15.29 -3.70
N TYR B 198 14.51 -15.00 -4.94
CA TYR B 198 15.47 -14.95 -6.03
C TYR B 198 15.12 -13.79 -6.95
N THR B 199 16.15 -13.30 -7.64
CA THR B 199 16.07 -12.31 -8.71
C THR B 199 16.66 -12.94 -9.96
N PRO B 200 16.68 -12.27 -11.11
CA PRO B 200 17.40 -12.83 -12.26
C PRO B 200 18.88 -13.07 -12.04
N ASN B 201 19.49 -12.51 -10.99
CA ASN B 201 20.92 -12.70 -10.80
C ASN B 201 21.33 -12.87 -9.34
N GLU B 202 20.38 -13.15 -8.44
CA GLU B 202 20.69 -13.38 -7.04
C GLU B 202 19.58 -14.18 -6.41
N LEU B 203 19.95 -15.05 -5.46
CA LEU B 203 18.99 -15.80 -4.68
C LEU B 203 19.52 -15.95 -3.26
N ILE B 204 18.62 -15.90 -2.28
CA ILE B 204 18.97 -16.19 -0.89
C ILE B 204 17.89 -17.07 -0.30
N TYR B 205 18.30 -18.19 0.28
CA TYR B 205 17.40 -19.10 0.97
C TYR B 205 17.43 -18.78 2.46
N TYR B 206 16.25 -18.75 3.08
CA TYR B 206 16.11 -18.55 4.52
C TYR B 206 15.34 -19.72 5.12
N GLY B 207 15.85 -20.27 6.23
CA GLY B 207 15.11 -21.22 7.02
C GLY B 207 15.81 -22.57 7.11
N LYS B 208 15.00 -23.61 7.24
CA LYS B 208 15.51 -24.93 7.62
C LYS B 208 16.28 -25.59 6.49
N GLY B 209 17.32 -26.33 6.86
CA GLY B 209 18.05 -27.18 5.93
C GLY B 209 19.02 -26.48 5.02
N ILE B 210 19.93 -25.69 5.59
CA ILE B 210 20.86 -24.91 4.78
C ILE B 210 21.86 -25.80 4.05
N ASN B 211 22.24 -26.92 4.68
CA ASN B 211 23.24 -27.80 4.06
C ASN B 211 22.72 -28.41 2.77
N SER B 212 21.45 -28.82 2.75
CA SER B 212 20.87 -29.38 1.53
C SER B 212 20.82 -28.34 0.42
N ILE B 213 20.64 -27.06 0.78
CA ILE B 213 20.67 -26.00 -0.22
C ILE B 213 22.10 -25.79 -0.72
N GLN B 214 23.08 -25.91 0.18
CA GLN B 214 24.48 -25.79 -0.22
C GLN B 214 24.87 -26.87 -1.21
N LYS B 215 24.35 -28.08 -1.04
CA LYS B 215 24.61 -29.14 -2.01
C LYS B 215 24.15 -28.73 -3.40
N ILE B 216 23.01 -28.06 -3.48
CA ILE B 216 22.48 -27.64 -4.78
C ILE B 216 23.41 -26.61 -5.41
N LEU B 217 23.78 -25.57 -4.65
CA LEU B 217 24.57 -24.48 -5.21
C LEU B 217 25.95 -24.94 -5.65
N LYS B 218 26.54 -25.90 -4.93
CA LYS B 218 27.85 -26.41 -5.30
C LYS B 218 27.84 -27.16 -6.63
N ARG B 219 26.67 -27.58 -7.09
CA ARG B 219 26.56 -28.19 -8.42
C ARG B 219 26.49 -27.15 -9.53
N TYR B 220 26.35 -25.86 -9.19
CA TYR B 220 26.15 -24.82 -10.19
C TYR B 220 27.20 -23.72 -10.17
N THR B 221 27.88 -23.47 -9.05
CA THR B 221 28.79 -22.35 -8.96
C THR B 221 29.85 -22.66 -7.90
N PRO B 222 31.06 -22.10 -8.02
CA PRO B 222 32.08 -22.32 -6.99
C PRO B 222 31.66 -21.74 -5.65
N ILE B 223 32.28 -22.25 -4.59
CA ILE B 223 31.90 -21.87 -3.24
C ILE B 223 32.25 -20.43 -2.94
N SER B 224 33.10 -19.80 -3.76
CA SER B 224 33.42 -18.39 -3.59
C SER B 224 32.25 -17.48 -3.94
N ASN B 225 31.20 -18.02 -4.57
CA ASN B 225 29.98 -17.27 -4.85
C ASN B 225 28.86 -17.61 -3.89
N ILE B 226 29.15 -18.33 -2.82
CA ILE B 226 28.13 -18.83 -1.89
C ILE B 226 28.50 -18.37 -0.49
N PHE B 227 27.53 -17.80 0.21
CA PHE B 227 27.69 -17.39 1.61
C PHE B 227 26.53 -17.92 2.43
N TRP B 228 26.81 -18.24 3.69
CA TRP B 228 25.76 -18.73 4.56
C TRP B 228 26.08 -18.42 6.02
N GLY B 229 25.04 -18.40 6.84
CA GLY B 229 25.16 -18.23 8.27
C GLY B 229 23.88 -18.69 8.93
N GLY B 230 23.82 -18.48 10.24
CA GLY B 230 22.61 -18.78 10.99
C GLY B 230 22.45 -20.21 11.45
N GLY B 231 23.42 -21.08 11.19
CA GLY B 231 23.34 -22.46 11.60
C GLY B 231 22.53 -23.32 10.64
N ILE B 232 22.08 -24.46 11.18
CA ILE B 232 21.35 -25.45 10.39
C ILE B 232 20.12 -24.84 9.73
N ASN B 233 19.48 -23.90 10.40
CA ASN B 233 18.27 -23.26 9.92
C ASN B 233 18.51 -21.78 9.67
N GLY B 234 19.63 -21.45 9.05
CA GLY B 234 20.01 -20.06 8.87
C GLY B 234 19.64 -19.48 7.53
N PHE B 235 20.62 -18.94 6.82
CA PHE B 235 20.43 -18.40 5.50
C PHE B 235 21.61 -18.81 4.63
N ILE B 236 21.35 -18.97 3.34
CA ILE B 236 22.40 -19.28 2.37
C ILE B 236 22.03 -18.64 1.05
N GLY B 237 23.01 -18.00 0.41
CA GLY B 237 22.72 -17.27 -0.81
C GLY B 237 23.89 -17.29 -1.76
N THR B 238 23.67 -16.67 -2.92
CA THR B 238 24.69 -16.50 -3.95
C THR B 238 25.02 -15.03 -4.09
N VAL B 239 26.29 -14.75 -4.39
CA VAL B 239 26.70 -13.37 -4.64
C VAL B 239 26.01 -12.86 -5.88
N ARG B 240 25.54 -11.60 -5.82
CA ARG B 240 24.80 -11.03 -6.94
C ARG B 240 25.68 -10.93 -8.18
N ASN B 241 25.06 -11.17 -9.34
CA ASN B 241 25.68 -11.04 -10.66
C ASN B 241 26.77 -12.08 -10.89
N ARG B 242 26.79 -13.15 -10.09
CA ARG B 242 27.74 -14.24 -10.29
C ARG B 242 27.15 -15.41 -11.07
N LEU B 243 25.83 -15.52 -11.08
CA LEU B 243 25.13 -16.62 -11.74
C LEU B 243 24.18 -16.07 -12.78
N THR B 244 24.03 -16.81 -13.88
CA THR B 244 23.09 -16.40 -14.91
C THR B 244 21.65 -16.64 -14.46
N THR B 245 20.71 -16.01 -15.18
CA THR B 245 19.31 -16.18 -14.84
C THR B 245 18.89 -17.63 -14.97
N ASN B 246 19.40 -18.32 -16.00
CA ASN B 246 19.13 -19.74 -16.16
C ASN B 246 19.62 -20.55 -14.96
N GLU B 247 20.82 -20.21 -14.45
CA GLU B 247 21.33 -20.92 -13.29
C GLU B 247 20.46 -20.68 -12.06
N ILE B 248 19.96 -19.46 -11.90
CA ILE B 248 19.05 -19.16 -10.79
C ILE B 248 17.77 -19.99 -10.90
N LEU B 249 17.15 -19.97 -12.08
CA LEU B 249 15.91 -20.73 -12.28
C LEU B 249 16.12 -22.21 -12.00
N ASN B 250 17.27 -22.76 -12.40
CA ASN B 250 17.53 -24.17 -12.14
C ASN B 250 17.64 -24.45 -10.65
N ILE B 251 18.37 -23.59 -9.93
CA ILE B 251 18.52 -23.74 -8.49
C ILE B 251 17.15 -23.65 -7.81
N VAL B 252 16.34 -22.68 -8.23
CA VAL B 252 14.99 -22.54 -7.70
C VAL B 252 14.21 -23.84 -7.89
N GLU B 253 14.29 -24.43 -9.08
CA GLU B 253 13.62 -25.71 -9.32
C GLU B 253 14.20 -26.80 -8.44
N GLN B 254 15.51 -26.78 -8.20
CA GLN B 254 16.12 -27.80 -7.35
C GLN B 254 15.68 -27.64 -5.90
N ILE B 255 15.57 -26.40 -5.43
CA ILE B 255 15.14 -26.15 -4.06
C ILE B 255 13.67 -26.52 -3.89
N LYS B 256 12.84 -26.23 -4.91
CA LYS B 256 11.44 -26.63 -4.85
C LYS B 256 11.30 -28.15 -4.78
N LEU B 257 12.26 -28.89 -5.34
CA LEU B 257 12.19 -30.34 -5.37
C LEU B 257 12.36 -30.95 -3.99
N LEU B 258 13.03 -30.26 -3.07
CA LEU B 258 13.17 -30.76 -1.71
C LEU B 258 11.83 -30.83 -0.97
N GLU B 259 10.82 -30.13 -1.46
CA GLU B 259 9.47 -30.22 -0.92
C GLU B 259 8.64 -31.30 -1.60
N LEU B 260 9.16 -31.93 -2.65
CA LEU B 260 8.44 -32.96 -3.37
C LEU B 260 8.98 -34.35 -3.05
N LYS C 10 36.34 -18.76 -14.38
CA LYS C 10 35.38 -17.92 -15.08
C LYS C 10 36.05 -16.70 -15.69
N LYS C 11 35.90 -16.51 -16.99
CA LYS C 11 36.44 -15.36 -17.71
C LYS C 11 35.32 -14.35 -17.97
N HIS C 12 35.66 -13.07 -17.83
CA HIS C 12 34.70 -11.99 -17.81
C HIS C 12 34.84 -11.11 -19.04
N LEU C 13 33.71 -10.89 -19.73
CA LEU C 13 33.60 -9.95 -20.84
C LEU C 13 32.54 -8.93 -20.49
N PHE C 14 32.87 -7.66 -20.66
CA PHE C 14 31.95 -6.56 -20.34
C PHE C 14 31.60 -5.81 -21.61
N LEU C 15 30.30 -5.64 -21.84
CA LEU C 15 29.78 -4.84 -22.95
C LEU C 15 29.10 -3.62 -22.36
N LEU C 16 29.51 -2.43 -22.81
CA LEU C 16 29.14 -1.20 -22.15
C LEU C 16 28.07 -0.45 -22.95
N GLY C 17 27.13 0.15 -22.22
CA GLY C 17 26.07 0.92 -22.84
C GLY C 17 26.42 2.38 -23.07
N GLY C 18 25.46 3.27 -22.81
CA GLY C 18 25.66 4.67 -23.11
C GLY C 18 26.70 5.31 -22.22
N HIS C 19 27.39 6.30 -22.78
CA HIS C 19 28.52 6.91 -22.12
C HIS C 19 28.11 8.07 -21.22
N ASP C 20 28.65 8.07 -20.01
CA ASP C 20 28.54 9.16 -19.05
C ASP C 20 29.72 9.02 -18.09
N LEU C 21 29.71 9.82 -17.02
CA LEU C 21 30.80 9.74 -16.06
C LEU C 21 30.89 8.35 -15.43
N GLU C 22 29.73 7.71 -15.22
CA GLU C 22 29.71 6.37 -14.65
C GLU C 22 30.37 5.37 -15.60
N MET C 23 29.94 5.36 -16.86
CA MET C 23 30.49 4.40 -17.82
C MET C 23 31.98 4.64 -18.04
N GLN C 24 32.38 5.90 -18.09
CA GLN C 24 33.80 6.25 -18.23
C GLN C 24 34.60 5.78 -17.02
N THR C 25 34.05 5.92 -15.82
CA THR C 25 34.71 5.41 -14.63
C THR C 25 34.85 3.89 -14.68
N ILE C 26 33.84 3.22 -15.26
CA ILE C 26 33.93 1.77 -15.42
C ILE C 26 35.05 1.41 -16.39
N VAL C 27 35.23 2.21 -17.44
CA VAL C 27 36.29 1.93 -18.41
C VAL C 27 37.67 1.97 -17.75
N GLN C 28 37.95 3.03 -17.00
N GLN C 28 37.94 3.02 -16.98
CA GLN C 28 39.23 3.16 -16.32
CA GLN C 28 39.24 3.14 -16.33
C GLN C 28 39.47 1.99 -15.37
C GLN C 28 39.48 2.02 -15.34
N ILE C 29 38.43 1.56 -14.65
CA ILE C 29 38.56 0.43 -13.75
C ILE C 29 38.76 -0.85 -14.55
N LEU C 30 37.98 -1.03 -15.60
CA LEU C 30 38.16 -2.17 -16.49
C LEU C 30 39.53 -2.12 -17.16
N THR C 31 40.00 -0.92 -17.50
CA THR C 31 41.33 -0.78 -18.09
C THR C 31 42.41 -1.21 -17.11
N ASP C 32 42.36 -0.69 -15.88
CA ASP C 32 43.45 -0.90 -14.93
C ASP C 32 43.57 -2.37 -14.52
N ARG C 33 42.46 -3.10 -14.47
CA ARG C 33 42.47 -4.48 -14.04
C ARG C 33 42.56 -5.48 -15.19
N ASN C 34 42.68 -5.00 -16.43
CA ASN C 34 42.95 -5.84 -17.59
C ASN C 34 41.80 -6.83 -17.86
N VAL C 35 40.57 -6.37 -17.74
CA VAL C 35 39.42 -7.23 -18.01
C VAL C 35 38.96 -7.00 -19.44
N ILE C 36 38.57 -8.09 -20.11
CA ILE C 36 38.05 -8.01 -21.47
C ILE C 36 36.78 -7.18 -21.46
N PHE C 37 36.78 -6.08 -22.21
CA PHE C 37 35.56 -5.31 -22.38
C PHE C 37 35.49 -4.79 -23.81
N LYS C 38 34.26 -4.57 -24.27
CA LYS C 38 33.99 -3.99 -25.58
C LYS C 38 33.21 -2.70 -25.39
N ASP C 39 33.73 -1.62 -25.96
CA ASP C 39 33.17 -0.27 -25.80
C ASP C 39 33.08 0.35 -27.19
N ARG C 40 31.88 0.38 -27.75
CA ARG C 40 31.63 0.97 -29.05
C ARG C 40 31.21 2.42 -28.95
N TYR C 41 31.51 3.08 -27.84
CA TYR C 41 31.30 4.50 -27.66
C TYR C 41 29.83 4.87 -27.85
N LEU C 42 28.95 3.98 -27.40
CA LEU C 42 27.51 4.18 -27.56
C LEU C 42 27.03 5.33 -26.70
N GLN C 43 25.77 5.71 -26.91
CA GLN C 43 25.12 6.78 -26.16
C GLN C 43 23.89 6.22 -25.44
N TRP C 44 23.29 7.08 -24.61
CA TRP C 44 22.13 6.68 -23.81
C TRP C 44 20.98 6.17 -24.67
N ASP C 45 20.84 6.67 -25.90
CA ASP C 45 19.69 6.40 -26.73
C ASP C 45 19.94 5.36 -27.81
N ASN C 46 21.16 4.84 -27.94
CA ASN C 46 21.45 3.74 -28.85
C ASN C 46 22.20 2.62 -28.14
N ALA C 47 22.00 2.49 -26.83
CA ALA C 47 22.64 1.45 -26.04
C ALA C 47 21.85 0.14 -26.17
N LEU C 48 21.99 -0.48 -27.35
CA LEU C 48 21.32 -1.73 -27.65
C LEU C 48 22.32 -2.87 -27.59
N LEU C 49 21.85 -4.03 -27.14
CA LEU C 49 22.71 -5.21 -27.12
C LEU C 49 23.12 -5.63 -28.53
N SER C 50 22.27 -5.35 -29.53
CA SER C 50 22.61 -5.70 -30.91
C SER C 50 23.77 -4.87 -31.44
N GLN C 51 24.12 -3.76 -30.79
CA GLN C 51 25.35 -3.06 -31.11
C GLN C 51 26.56 -3.97 -30.94
N TYR C 52 26.46 -4.99 -30.09
CA TYR C 52 27.55 -5.91 -29.79
C TYR C 52 27.24 -7.32 -30.28
N GLU C 53 26.59 -7.42 -31.44
CA GLU C 53 26.19 -8.74 -31.93
C GLU C 53 27.40 -9.57 -32.34
N GLU C 54 28.46 -8.91 -32.81
CA GLU C 54 29.67 -9.63 -33.21
C GLU C 54 30.26 -10.40 -32.04
N GLU C 55 30.34 -9.77 -30.87
CA GLU C 55 30.89 -10.44 -29.70
C GLU C 55 29.95 -11.52 -29.17
N ILE C 56 28.63 -11.32 -29.29
CA ILE C 56 27.69 -12.31 -28.79
C ILE C 56 27.81 -13.61 -29.57
N GLN C 57 28.25 -13.54 -30.83
CA GLN C 57 28.54 -14.76 -31.56
C GLN C 57 29.87 -15.37 -31.15
N GLN C 58 30.83 -14.54 -30.72
CA GLN C 58 32.15 -15.06 -30.38
C GLN C 58 32.22 -15.61 -28.96
N TYR C 59 31.58 -14.93 -28.00
CA TYR C 59 31.61 -15.35 -26.60
C TYR C 59 30.29 -15.89 -26.07
N GLY C 60 29.20 -15.74 -26.81
CA GLY C 60 27.89 -16.17 -26.32
C GLY C 60 27.78 -17.68 -26.32
N ASN C 61 27.40 -18.24 -25.17
CA ASN C 61 27.26 -19.68 -24.96
C ASN C 61 28.60 -20.41 -25.07
N LYS C 62 29.71 -19.68 -24.93
CA LYS C 62 31.04 -20.27 -24.82
C LYS C 62 31.33 -20.47 -23.34
N GLU C 63 31.58 -21.72 -22.95
CA GLU C 63 31.61 -22.11 -21.53
C GLU C 63 32.52 -21.28 -20.65
N PRO C 64 33.76 -20.94 -21.03
CA PRO C 64 34.63 -20.21 -20.09
C PRO C 64 34.12 -18.83 -19.72
N PHE C 65 33.21 -18.25 -20.49
CA PHE C 65 32.94 -16.83 -20.44
C PHE C 65 31.56 -16.52 -19.86
N ILE C 66 31.52 -15.45 -19.08
CA ILE C 66 30.28 -14.78 -18.70
C ILE C 66 30.33 -13.38 -19.28
N ILE C 67 29.27 -12.99 -19.98
CA ILE C 67 29.19 -11.68 -20.63
C ILE C 67 28.31 -10.78 -19.78
N TYR C 68 28.86 -9.64 -19.35
CA TYR C 68 28.12 -8.68 -18.54
C TYR C 68 27.71 -7.50 -19.42
N GLY C 69 26.42 -7.39 -19.69
CA GLY C 69 25.89 -6.24 -20.39
C GLY C 69 25.60 -5.10 -19.43
N VAL C 70 26.42 -4.05 -19.50
CA VAL C 70 26.30 -2.92 -18.58
C VAL C 70 25.38 -1.88 -19.22
N GLU C 71 24.12 -1.87 -18.79
CA GLU C 71 23.11 -0.92 -19.24
C GLU C 71 22.91 -1.00 -20.76
N LEU C 72 22.56 -2.19 -21.23
CA LEU C 72 22.24 -2.43 -22.62
C LEU C 72 20.82 -2.96 -22.72
N LYS C 73 20.02 -2.33 -23.56
CA LYS C 73 18.68 -2.85 -23.85
C LYS C 73 18.80 -4.17 -24.58
N GLU C 74 18.03 -5.17 -24.13
CA GLU C 74 18.07 -6.49 -24.74
C GLU C 74 17.07 -6.56 -25.90
N ASP C 75 17.40 -5.83 -26.96
CA ASP C 75 16.62 -5.88 -28.19
C ASP C 75 16.81 -7.18 -28.94
N ILE C 76 17.84 -7.96 -28.62
CA ILE C 76 18.03 -9.31 -29.13
C ILE C 76 18.08 -10.25 -27.94
N THR C 77 17.73 -11.51 -28.19
CA THR C 77 17.75 -12.51 -27.13
C THR C 77 19.18 -12.74 -26.66
N PRO C 78 19.50 -12.42 -25.40
CA PRO C 78 20.87 -12.62 -24.94
C PRO C 78 21.20 -14.10 -24.83
N PRO C 79 22.47 -14.47 -24.99
CA PRO C 79 22.84 -15.88 -24.80
C PRO C 79 22.74 -16.29 -23.34
N THR C 80 22.96 -17.58 -23.06
CA THR C 80 22.75 -18.09 -21.72
C THR C 80 23.86 -17.68 -20.75
N ASN C 81 25.03 -17.31 -21.27
CA ASN C 81 26.14 -16.87 -20.43
C ASN C 81 26.20 -15.35 -20.32
N TYR C 82 25.03 -14.69 -20.38
CA TYR C 82 24.94 -13.24 -20.36
C TYR C 82 24.24 -12.81 -19.07
N ILE C 83 24.80 -11.81 -18.39
CA ILE C 83 24.22 -11.27 -17.16
C ILE C 83 24.01 -9.78 -17.36
N ARG C 84 22.79 -9.31 -17.06
CA ARG C 84 22.44 -7.92 -17.23
C ARG C 84 22.84 -7.11 -15.99
N ILE C 85 23.61 -6.05 -16.20
CA ILE C 85 24.03 -5.14 -15.14
C ILE C 85 23.29 -3.83 -15.36
N ASP C 86 22.32 -3.53 -14.51
CA ASP C 86 21.46 -2.38 -14.76
C ASP C 86 20.95 -1.82 -13.43
N HIS C 87 20.46 -0.58 -13.50
CA HIS C 87 19.82 0.07 -12.35
C HIS C 87 18.65 0.94 -12.81
N HIS C 88 17.93 0.52 -13.83
CA HIS C 88 16.80 1.25 -14.37
C HIS C 88 15.53 0.42 -14.32
N ASN C 89 14.40 1.11 -14.40
CA ASN C 89 13.08 0.51 -14.42
C ASN C 89 12.87 -0.42 -13.22
N GLU C 90 12.73 -1.72 -13.45
CA GLU C 90 12.45 -2.61 -12.33
C GLU C 90 13.63 -2.76 -11.38
N TYR C 91 14.85 -2.43 -11.83
CA TYR C 91 16.03 -2.49 -10.99
C TYR C 91 16.51 -1.11 -10.55
N ALA C 92 15.60 -0.13 -10.50
CA ALA C 92 15.98 1.22 -10.09
C ALA C 92 16.46 1.28 -8.65
N THR C 93 16.10 0.30 -7.81
CA THR C 93 16.61 0.28 -6.45
C THR C 93 17.96 -0.43 -6.33
N TYR C 94 18.48 -0.96 -7.42
CA TYR C 94 19.79 -1.60 -7.40
C TYR C 94 20.90 -0.56 -7.37
N PRO C 95 22.06 -0.90 -6.80
CA PRO C 95 23.21 0.01 -6.88
C PRO C 95 23.57 0.32 -8.33
N SER C 96 24.28 1.43 -8.51
CA SER C 96 24.66 1.89 -9.83
C SER C 96 25.48 0.83 -10.56
N ALA C 97 25.55 0.96 -11.89
CA ALA C 97 26.33 0.01 -12.68
C ALA C 97 27.78 -0.03 -12.22
N LEU C 98 28.33 1.12 -11.83
CA LEU C 98 29.73 1.19 -11.41
C LEU C 98 29.97 0.29 -10.20
N GLU C 99 29.06 0.37 -9.22
CA GLU C 99 29.22 -0.43 -8.01
C GLU C 99 29.05 -1.91 -8.31
N GLN C 100 28.10 -2.26 -9.19
CA GLN C 100 27.92 -3.66 -9.55
C GLN C 100 29.13 -4.23 -10.28
N VAL C 101 29.72 -3.45 -11.18
CA VAL C 101 30.95 -3.89 -11.86
C VAL C 101 32.08 -4.06 -10.86
N ALA C 102 32.21 -3.12 -9.91
CA ALA C 102 33.26 -3.22 -8.90
C ALA C 102 33.06 -4.45 -8.03
N SER C 103 31.81 -4.80 -7.74
CA SER C 103 31.55 -5.98 -6.92
C SER C 103 31.99 -7.25 -7.64
N ILE C 104 31.77 -7.30 -8.96
CA ILE C 104 32.18 -8.48 -9.73
C ILE C 104 33.69 -8.62 -9.74
N LEU C 105 34.41 -7.50 -9.73
CA LEU C 105 35.86 -7.49 -9.83
C LEU C 105 36.56 -7.39 -8.49
N ASP C 106 35.82 -7.35 -7.39
CA ASP C 106 36.39 -7.13 -6.05
C ASP C 106 37.20 -5.83 -6.02
N HIS C 107 36.66 -4.79 -6.65
CA HIS C 107 37.32 -3.49 -6.69
C HIS C 107 36.77 -2.59 -5.61
N PRO C 108 37.56 -2.17 -4.63
CA PRO C 108 37.09 -1.17 -3.66
C PRO C 108 37.06 0.20 -4.29
N LEU C 109 35.88 0.82 -4.30
CA LEU C 109 35.75 2.15 -4.90
C LEU C 109 36.45 3.18 -4.04
N ASN C 110 37.29 4.00 -4.68
CA ASN C 110 37.92 5.10 -3.95
C ASN C 110 36.89 6.22 -3.75
N ARG C 111 37.33 7.32 -3.14
CA ARG C 111 36.42 8.41 -2.83
C ARG C 111 35.84 9.03 -4.10
N TYR C 112 36.67 9.24 -5.12
CA TYR C 112 36.17 9.80 -6.38
C TYR C 112 35.13 8.89 -7.01
N GLN C 113 35.43 7.58 -7.09
CA GLN C 113 34.51 6.64 -7.72
C GLN C 113 33.23 6.50 -6.91
N THR C 114 33.29 6.65 -5.59
CA THR C 114 32.08 6.58 -4.78
C THR C 114 31.16 7.75 -5.05
N LEU C 115 31.72 8.93 -5.32
CA LEU C 115 30.92 10.08 -5.72
C LEU C 115 30.34 9.90 -7.11
N VAL C 116 31.09 9.26 -8.01
CA VAL C 116 30.58 8.95 -9.34
C VAL C 116 29.37 8.02 -9.24
N ALA C 117 29.46 7.01 -8.39
CA ALA C 117 28.33 6.12 -8.19
C ALA C 117 27.14 6.83 -7.56
N ALA C 118 27.41 7.71 -6.58
CA ALA C 118 26.33 8.47 -5.94
C ALA C 118 25.69 9.45 -6.92
N ASN C 119 26.52 10.17 -7.69
CA ASN C 119 25.98 11.06 -8.71
C ASN C 119 25.18 10.29 -9.75
N ALA C 120 25.66 9.12 -10.15
CA ALA C 120 24.94 8.33 -11.14
C ALA C 120 23.59 7.87 -10.61
N LYS C 121 23.53 7.49 -9.33
CA LYS C 121 22.31 6.93 -8.77
C LYS C 121 21.39 7.97 -8.16
N ALA C 122 21.95 9.06 -7.62
CA ALA C 122 21.11 10.05 -6.97
C ALA C 122 21.67 11.47 -7.15
N TYR C 123 22.42 11.71 -8.23
CA TYR C 123 22.71 13.07 -8.70
C TYR C 123 23.35 13.90 -7.59
N ILE C 124 22.99 15.18 -7.51
CA ILE C 124 23.62 16.06 -6.55
C ILE C 124 23.17 15.76 -5.12
N PRO C 125 21.88 15.45 -4.86
CA PRO C 125 21.52 15.01 -3.51
C PRO C 125 22.28 13.78 -3.04
N GLY C 126 22.53 12.83 -3.94
CA GLY C 126 23.29 11.65 -3.57
C GLY C 126 24.72 11.94 -3.16
N MET C 127 25.32 12.97 -3.75
CA MET C 127 26.68 13.34 -3.36
C MET C 127 26.70 14.10 -2.04
N LEU C 128 25.69 14.94 -1.80
CA LEU C 128 25.58 15.58 -0.49
C LEU C 128 25.34 14.56 0.61
N GLU C 129 24.64 13.46 0.30
CA GLU C 129 24.41 12.41 1.28
C GLU C 129 25.69 11.74 1.74
N ILE C 130 26.76 11.79 0.94
CA ILE C 130 28.05 11.28 1.37
C ILE C 130 29.07 12.42 1.52
N GLY C 131 28.59 13.65 1.68
CA GLY C 131 29.43 14.76 2.08
C GLY C 131 30.36 15.30 1.01
N ALA C 132 29.92 15.33 -0.24
CA ALA C 132 30.72 15.93 -1.29
C ALA C 132 30.86 17.44 -1.08
N SER C 133 31.99 17.99 -1.51
CA SER C 133 32.22 19.42 -1.44
C SER C 133 31.64 20.11 -2.68
N HIS C 134 31.68 21.44 -2.67
CA HIS C 134 31.10 22.20 -3.78
C HIS C 134 31.90 22.00 -5.06
N GLU C 135 33.22 21.93 -4.94
CA GLU C 135 34.05 21.73 -6.13
C GLU C 135 34.07 20.26 -6.54
N GLU C 136 33.94 19.34 -5.58
CA GLU C 136 33.76 17.94 -5.94
C GLU C 136 32.49 17.74 -6.76
N ILE C 137 31.36 18.24 -6.24
CA ILE C 137 30.09 18.18 -6.98
C ILE C 137 30.23 18.92 -8.31
N ASN C 138 30.90 20.07 -8.30
CA ASN C 138 31.07 20.82 -9.54
C ASN C 138 31.95 20.08 -10.53
N LEU C 139 33.01 19.41 -10.04
CA LEU C 139 33.86 18.63 -10.93
C LEU C 139 33.11 17.44 -11.51
N ILE C 140 32.33 16.74 -10.68
CA ILE C 140 31.55 15.60 -11.16
C ILE C 140 30.59 16.02 -12.26
N ARG C 141 29.84 17.10 -12.01
CA ARG C 141 28.82 17.54 -12.96
C ARG C 141 29.43 17.85 -14.33
N GLN C 142 30.56 18.57 -14.34
CA GLN C 142 31.19 18.92 -15.60
C GLN C 142 31.69 17.68 -16.33
N GLU C 143 32.33 16.77 -15.61
CA GLU C 143 32.82 15.55 -16.25
C GLU C 143 31.67 14.65 -16.70
N ASP C 144 30.58 14.63 -15.93
CA ASP C 144 29.39 13.90 -16.37
C ASP C 144 28.84 14.48 -17.67
N ARG C 145 28.68 15.81 -17.72
CA ARG C 145 28.17 16.46 -18.92
C ARG C 145 29.14 16.31 -20.09
N LYS C 146 30.44 16.42 -19.82
CA LYS C 146 31.44 16.19 -20.87
C LYS C 146 31.37 14.75 -21.38
N ALA C 147 31.20 13.79 -20.47
CA ALA C 147 31.15 12.39 -20.88
C ALA C 147 29.85 12.05 -21.58
N GLN C 148 28.79 12.81 -21.33
CA GLN C 148 27.54 12.63 -22.05
C GLN C 148 27.59 13.20 -23.46
N GLY C 149 28.60 14.01 -23.77
CA GLY C 149 28.73 14.58 -25.10
C GLY C 149 28.20 15.98 -25.24
N VAL C 150 27.98 16.69 -24.13
CA VAL C 150 27.45 18.05 -24.20
C VAL C 150 28.48 19.00 -24.78
N ILE C 151 28.10 19.72 -25.83
CA ILE C 151 29.00 20.67 -26.48
C ILE C 151 28.53 22.10 -26.26
N GLU C 152 29.25 23.04 -26.87
CA GLU C 152 28.90 24.46 -26.78
C GLU C 152 27.44 24.73 -27.09
N ASP C 153 26.88 24.02 -28.07
CA ASP C 153 25.52 24.32 -28.51
C ASP C 153 24.47 23.84 -27.50
N ASP C 154 24.74 22.75 -26.78
CA ASP C 154 23.79 22.28 -25.77
C ASP C 154 23.69 23.26 -24.61
N GLU C 155 24.83 23.76 -24.14
CA GLU C 155 24.85 24.66 -23.00
C GLU C 155 24.28 26.04 -23.33
N LYS C 156 24.30 26.43 -24.60
CA LYS C 156 23.59 27.62 -25.03
C LYS C 156 22.09 27.37 -25.08
N LEU C 157 21.69 26.26 -25.72
CA LEU C 157 20.28 25.94 -25.84
C LEU C 157 19.65 25.67 -24.49
N ALA C 158 20.45 25.24 -23.51
CA ALA C 158 19.94 25.08 -22.16
C ALA C 158 19.57 26.43 -21.55
N GLN C 159 20.43 27.43 -21.74
CA GLN C 159 20.13 28.75 -21.19
C GLN C 159 18.94 29.38 -21.89
N GLU C 160 18.78 29.11 -23.19
CA GLU C 160 17.63 29.60 -23.94
C GLU C 160 16.33 29.09 -23.35
N ALA C 161 16.32 27.82 -22.95
CA ALA C 161 15.11 27.24 -22.39
C ALA C 161 14.79 27.81 -21.01
N ILE C 162 15.83 28.13 -20.23
CA ILE C 162 15.60 28.63 -18.89
C ILE C 162 15.14 30.07 -18.91
N THR C 163 15.70 30.88 -19.81
CA THR C 163 15.29 32.28 -19.91
C THR C 163 13.95 32.45 -20.60
N ASN C 164 13.67 31.65 -21.63
CA ASN C 164 12.52 31.89 -22.50
C ASN C 164 11.50 30.77 -22.55
N GLY C 165 11.76 29.62 -21.93
CA GLY C 165 10.84 28.50 -22.05
C GLY C 165 10.50 27.82 -20.74
N THR C 166 10.69 28.53 -19.63
CA THR C 166 10.43 27.98 -18.30
C THR C 166 9.38 28.81 -17.58
N GLU C 167 8.33 28.15 -17.11
CA GLU C 167 7.35 28.74 -16.21
C GLU C 167 7.24 27.86 -14.98
N LYS C 168 6.90 28.47 -13.84
CA LYS C 168 6.85 27.78 -12.55
C LYS C 168 5.41 27.62 -12.07
N ILE C 169 5.00 26.37 -11.88
CA ILE C 169 3.64 26.02 -11.46
C ILE C 169 3.76 25.31 -10.12
N GLY C 170 3.48 26.04 -9.05
CA GLY C 170 3.61 25.44 -7.74
C GLY C 170 5.06 25.08 -7.47
N SER C 171 5.31 23.79 -7.25
CA SER C 171 6.65 23.30 -6.95
C SER C 171 7.32 22.62 -8.14
N LEU C 172 6.80 22.82 -9.35
CA LEU C 172 7.24 22.07 -10.52
C LEU C 172 7.86 23.01 -11.55
N TYR C 173 9.07 22.67 -11.99
CA TYR C 173 9.68 23.36 -13.11
C TYR C 173 9.22 22.72 -14.42
N VAL C 174 8.69 23.53 -15.33
CA VAL C 174 8.28 23.08 -16.67
C VAL C 174 9.11 23.83 -17.69
N VAL C 175 9.92 23.11 -18.45
CA VAL C 175 10.86 23.69 -19.38
C VAL C 175 10.60 23.12 -20.77
N PHE C 176 10.19 23.97 -21.70
CA PHE C 176 10.11 23.58 -23.09
C PHE C 176 11.46 23.82 -23.75
N THR C 177 11.91 22.84 -24.53
CA THR C 177 13.18 22.98 -25.21
C THR C 177 13.15 22.20 -26.51
N THR C 178 13.93 22.69 -27.47
CA THR C 178 14.29 21.93 -28.66
C THR C 178 15.69 21.35 -28.56
N ALA C 179 16.26 21.33 -27.35
CA ALA C 179 17.62 20.85 -27.13
C ALA C 179 17.66 19.32 -27.15
N ASN C 180 18.88 18.80 -27.23
CA ASN C 180 19.10 17.36 -27.32
C ASN C 180 19.43 16.76 -25.96
N LYS C 181 20.29 17.42 -25.18
CA LYS C 181 20.76 16.90 -23.91
C LYS C 181 20.23 17.80 -22.79
N PHE C 182 19.76 17.19 -21.70
CA PHE C 182 19.04 17.90 -20.65
C PHE C 182 19.89 18.20 -19.42
N SER C 183 21.02 17.53 -19.24
CA SER C 183 21.82 17.74 -18.04
C SER C 183 22.23 19.19 -17.81
N PRO C 184 22.54 20.00 -18.82
CA PRO C 184 22.81 21.42 -18.55
C PRO C 184 21.63 22.14 -17.91
N ILE C 185 20.41 21.77 -18.31
CA ILE C 185 19.22 22.41 -17.76
C ILE C 185 19.05 22.04 -16.29
N CYS C 186 19.22 20.74 -15.97
CA CYS C 186 19.12 20.30 -14.58
C CYS C 186 20.14 20.99 -13.69
N ASP C 187 21.39 21.07 -14.15
CA ASP C 187 22.44 21.64 -13.32
C ASP C 187 22.27 23.14 -13.12
N ARG C 188 21.72 23.85 -14.10
CA ARG C 188 21.49 25.28 -13.91
C ARG C 188 20.28 25.53 -13.01
N LEU C 189 19.24 24.70 -13.12
CA LEU C 189 18.05 24.90 -12.31
C LEU C 189 18.19 24.33 -10.91
N TYR C 190 19.13 23.42 -10.68
CA TYR C 190 19.28 22.84 -9.36
C TYR C 190 19.69 23.92 -8.36
N PRO C 191 19.11 23.92 -7.14
CA PRO C 191 18.13 22.96 -6.61
C PRO C 191 16.71 23.19 -7.10
N TYR C 192 15.96 22.10 -7.19
CA TYR C 192 14.55 22.14 -7.54
C TYR C 192 13.88 20.94 -6.88
N GLU C 193 12.55 21.04 -6.71
CA GLU C 193 11.81 19.89 -6.21
C GLU C 193 11.31 19.00 -7.35
N LYS C 194 10.72 19.61 -8.37
CA LYS C 194 10.19 18.89 -9.51
C LYS C 194 10.55 19.64 -10.78
N LEU C 195 10.99 18.90 -11.80
CA LEU C 195 11.43 19.47 -13.06
C LEU C 195 10.88 18.64 -14.20
N LEU C 196 10.08 19.26 -15.06
CA LEU C 196 9.52 18.61 -16.24
C LEU C 196 10.11 19.28 -17.49
N ILE C 197 10.96 18.54 -18.20
CA ILE C 197 11.55 19.00 -19.45
C ILE C 197 10.90 18.22 -20.59
N TYR C 198 10.35 18.94 -21.57
CA TYR C 198 9.70 18.29 -22.69
C TYR C 198 10.07 18.99 -23.98
N THR C 199 10.03 18.22 -25.06
CA THR C 199 10.31 18.67 -26.42
C THR C 199 9.10 18.32 -27.27
N PRO C 200 9.06 18.68 -28.55
CA PRO C 200 8.02 18.14 -29.44
C PRO C 200 8.04 16.62 -29.55
N ASN C 201 9.11 15.94 -29.10
CA ASN C 201 9.20 14.49 -29.28
C ASN C 201 9.72 13.75 -28.05
N GLU C 202 9.78 14.38 -26.88
CA GLU C 202 10.43 13.77 -25.73
C GLU C 202 10.03 14.53 -24.47
N LEU C 203 9.95 13.80 -23.36
CA LEU C 203 9.70 14.38 -22.05
C LEU C 203 10.47 13.60 -21.00
N ILE C 204 10.97 14.31 -19.99
CA ILE C 204 11.66 13.70 -18.87
C ILE C 204 11.30 14.45 -17.61
N TYR C 205 10.92 13.72 -16.57
CA TYR C 205 10.57 14.27 -15.27
C TYR C 205 11.68 14.00 -14.28
N TYR C 206 12.02 15.01 -13.48
CA TYR C 206 13.04 14.90 -12.44
C TYR C 206 12.45 15.39 -11.13
N GLY C 207 12.57 14.58 -10.07
CA GLY C 207 12.24 15.02 -8.74
C GLY C 207 11.23 14.10 -8.08
N LYS C 208 10.52 14.67 -7.12
CA LYS C 208 9.66 13.90 -6.23
C LYS C 208 8.54 13.19 -7.00
N GLY C 209 8.29 11.95 -6.61
CA GLY C 209 7.11 11.22 -7.05
C GLY C 209 7.09 10.76 -8.49
N ILE C 210 8.15 10.09 -8.94
CA ILE C 210 8.17 9.56 -10.30
C ILE C 210 7.10 8.50 -10.50
N ASN C 211 6.68 7.82 -9.42
CA ASN C 211 5.64 6.81 -9.56
C ASN C 211 4.30 7.43 -9.94
N SER C 212 4.02 8.63 -9.42
CA SER C 212 2.83 9.35 -9.87
C SER C 212 2.93 9.72 -11.35
N ILE C 213 4.15 9.96 -11.83
CA ILE C 213 4.34 10.26 -13.25
C ILE C 213 4.23 8.99 -14.08
N GLN C 214 4.74 7.87 -13.55
CA GLN C 214 4.59 6.59 -14.24
C GLN C 214 3.12 6.24 -14.44
N LYS C 215 2.31 6.47 -13.41
CA LYS C 215 0.87 6.32 -13.56
C LYS C 215 0.32 7.14 -14.71
N ILE C 216 0.85 8.34 -14.91
CA ILE C 216 0.38 9.21 -15.98
C ILE C 216 0.86 8.70 -17.34
N LEU C 217 2.15 8.37 -17.44
CA LEU C 217 2.71 7.95 -18.72
C LEU C 217 2.05 6.67 -19.22
N LYS C 218 1.71 5.77 -18.31
CA LYS C 218 1.13 4.49 -18.71
C LYS C 218 -0.29 4.62 -19.26
N ARG C 219 -0.94 5.77 -19.07
CA ARG C 219 -2.22 6.03 -19.72
C ARG C 219 -2.06 6.45 -21.16
N TYR C 220 -0.84 6.76 -21.60
CA TYR C 220 -0.61 7.29 -22.94
C TYR C 220 0.31 6.43 -23.79
N THR C 221 1.14 5.58 -23.20
CA THR C 221 2.11 4.83 -23.98
C THR C 221 2.42 3.53 -23.26
N PRO C 222 2.74 2.46 -24.00
CA PRO C 222 3.15 1.20 -23.35
C PRO C 222 4.47 1.36 -22.62
N ILE C 223 4.68 0.46 -21.65
CA ILE C 223 5.83 0.55 -20.76
C ILE C 223 7.15 0.37 -21.49
N SER C 224 7.11 -0.18 -22.70
CA SER C 224 8.33 -0.31 -23.49
C SER C 224 8.87 1.03 -23.95
N ASN C 225 8.09 2.11 -23.80
CA ASN C 225 8.54 3.46 -24.14
C ASN C 225 8.84 4.29 -22.90
N ILE C 226 8.87 3.68 -21.72
CA ILE C 226 9.04 4.38 -20.44
C ILE C 226 10.29 3.83 -19.76
N PHE C 227 11.17 4.72 -19.33
CA PHE C 227 12.34 4.37 -18.54
C PHE C 227 12.42 5.29 -17.32
N TRP C 228 12.95 4.76 -16.23
CA TRP C 228 13.11 5.55 -15.03
C TRP C 228 14.24 5.01 -14.18
N GLY C 229 14.78 5.87 -13.32
CA GLY C 229 15.81 5.48 -12.39
C GLY C 229 16.02 6.60 -11.38
N GLY C 230 17.08 6.43 -10.58
CA GLY C 230 17.46 7.47 -9.65
C GLY C 230 16.73 7.48 -8.33
N GLY C 231 16.00 6.43 -7.98
CA GLY C 231 15.28 6.40 -6.73
C GLY C 231 13.88 6.99 -6.85
N ILE C 232 13.22 7.08 -5.70
CA ILE C 232 11.83 7.54 -5.66
C ILE C 232 11.70 8.94 -6.21
N ASN C 233 12.75 9.76 -6.06
CA ASN C 233 12.75 11.13 -6.55
C ASN C 233 13.81 11.31 -7.63
N GLY C 234 13.90 10.35 -8.54
CA GLY C 234 14.88 10.41 -9.60
C GLY C 234 14.34 10.96 -10.91
N PHE C 235 14.43 10.15 -11.96
CA PHE C 235 14.02 10.58 -13.29
C PHE C 235 13.14 9.52 -13.94
N ILE C 236 12.19 9.99 -14.75
CA ILE C 236 11.35 9.10 -15.54
C ILE C 236 11.05 9.80 -16.86
N GLY C 237 11.11 9.06 -17.96
CA GLY C 237 10.99 9.68 -19.26
C GLY C 237 10.39 8.76 -20.30
N THR C 238 10.20 9.33 -21.49
CA THR C 238 9.70 8.61 -22.65
C THR C 238 10.79 8.55 -23.72
N VAL C 239 10.82 7.43 -24.45
CA VAL C 239 11.80 7.29 -25.52
C VAL C 239 11.48 8.28 -26.64
N ARG C 240 12.53 8.87 -27.22
CA ARG C 240 12.32 9.95 -28.16
C ARG C 240 11.63 9.45 -29.42
N ASN C 241 10.76 10.29 -29.98
CA ASN C 241 10.02 10.03 -31.21
C ASN C 241 9.08 8.85 -31.10
N ARG C 242 8.78 8.39 -29.89
CA ARG C 242 7.83 7.32 -29.70
C ARG C 242 6.43 7.80 -29.34
N LEU C 243 6.27 9.09 -29.03
CA LEU C 243 4.98 9.68 -28.75
C LEU C 243 4.81 10.92 -29.62
N THR C 244 3.57 11.23 -29.97
CA THR C 244 3.31 12.40 -30.79
C THR C 244 3.48 13.68 -29.97
N THR C 245 3.60 14.79 -30.68
CA THR C 245 3.72 16.08 -30.01
C THR C 245 2.50 16.38 -29.16
N ASN C 246 1.30 16.03 -29.65
CA ASN C 246 0.09 16.28 -28.90
C ASN C 246 0.01 15.42 -27.65
N GLU C 247 0.45 14.16 -27.75
CA GLU C 247 0.47 13.29 -26.58
C GLU C 247 1.37 13.84 -25.49
N ILE C 248 2.53 14.39 -25.88
CA ILE C 248 3.46 14.96 -24.91
C ILE C 248 2.85 16.18 -24.24
N LEU C 249 2.24 17.06 -25.04
CA LEU C 249 1.55 18.22 -24.49
C LEU C 249 0.46 17.80 -23.51
N ASN C 250 -0.26 16.72 -23.83
CA ASN C 250 -1.28 16.21 -22.90
C ASN C 250 -0.63 15.74 -21.61
N ILE C 251 0.48 15.01 -21.71
CA ILE C 251 1.18 14.54 -20.51
C ILE C 251 1.69 15.71 -19.70
N VAL C 252 2.25 16.72 -20.38
CA VAL C 252 2.70 17.93 -19.69
C VAL C 252 1.56 18.54 -18.90
N GLU C 253 0.35 18.56 -19.47
CA GLU C 253 -0.78 19.12 -18.75
C GLU C 253 -1.15 18.26 -17.54
N GLN C 254 -1.07 16.94 -17.68
CA GLN C 254 -1.38 16.06 -16.56
C GLN C 254 -0.40 16.25 -15.41
N ILE C 255 0.89 16.42 -15.73
CA ILE C 255 1.90 16.61 -14.70
C ILE C 255 1.68 17.94 -13.99
N LYS C 256 1.35 18.99 -14.75
CA LYS C 256 1.08 20.28 -14.13
C LYS C 256 -0.14 20.22 -13.22
N LEU C 257 -1.13 19.40 -13.57
CA LEU C 257 -2.31 19.25 -12.73
C LEU C 257 -1.99 18.66 -11.37
N LEU C 258 -0.86 17.98 -11.22
CA LEU C 258 -0.47 17.42 -9.93
C LEU C 258 -0.09 18.47 -8.92
N GLU C 259 0.17 19.71 -9.34
CA GLU C 259 0.51 20.80 -8.44
C GLU C 259 -0.69 21.56 -7.94
N LEU C 260 -1.89 21.27 -8.46
CA LEU C 260 -3.10 21.97 -8.06
C LEU C 260 -3.93 21.12 -7.11
N LYS D 10 -12.43 31.90 -18.69
CA LYS D 10 -12.75 31.31 -17.39
C LYS D 10 -12.19 29.91 -17.28
N LYS D 11 -11.65 29.58 -16.11
CA LYS D 11 -11.06 28.28 -15.82
C LYS D 11 -12.04 27.41 -15.05
N HIS D 12 -12.00 26.11 -15.31
CA HIS D 12 -12.99 25.17 -14.80
C HIS D 12 -12.38 24.30 -13.71
N LEU D 13 -13.06 24.24 -12.56
CA LEU D 13 -12.75 23.29 -11.50
C LEU D 13 -13.98 22.43 -11.25
N PHE D 14 -13.78 21.12 -11.20
CA PHE D 14 -14.85 20.17 -10.99
C PHE D 14 -14.68 19.48 -9.64
N LEU D 15 -15.76 19.43 -8.87
CA LEU D 15 -15.81 18.68 -7.62
C LEU D 15 -16.77 17.52 -7.79
N LEU D 16 -16.32 16.31 -7.47
CA LEU D 16 -17.04 15.09 -7.82
C LEU D 16 -17.75 14.50 -6.60
N GLY D 17 -18.97 14.02 -6.83
CA GLY D 17 -19.78 13.47 -5.78
C GLY D 17 -19.67 11.96 -5.63
N GLY D 18 -20.79 11.30 -5.41
CA GLY D 18 -20.77 9.87 -5.20
C GLY D 18 -20.41 9.10 -6.46
N HIS D 19 -19.71 7.99 -6.26
CA HIS D 19 -19.11 7.25 -7.37
C HIS D 19 -20.08 6.23 -7.96
N ASP D 20 -20.07 6.16 -9.29
CA ASP D 20 -20.81 5.19 -10.07
C ASP D 20 -20.16 5.16 -11.44
N LEU D 21 -20.77 4.43 -12.39
CA LEU D 21 -20.22 4.38 -13.73
C LEU D 21 -20.22 5.76 -14.37
N GLU D 22 -21.23 6.57 -14.08
CA GLU D 22 -21.28 7.91 -14.63
C GLU D 22 -20.13 8.77 -14.10
N MET D 23 -19.93 8.76 -12.78
CA MET D 23 -18.86 9.57 -12.21
C MET D 23 -17.49 9.07 -12.66
N GLN D 24 -17.32 7.75 -12.74
CA GLN D 24 -16.07 7.19 -13.26
C GLN D 24 -15.85 7.60 -14.71
N THR D 25 -16.90 7.59 -15.52
CA THR D 25 -16.79 8.09 -16.88
C THR D 25 -16.46 9.57 -16.89
N ILE D 26 -17.03 10.33 -15.95
CA ILE D 26 -16.70 11.75 -15.82
C ILE D 26 -15.24 11.93 -15.47
N VAL D 27 -14.72 11.08 -14.58
CA VAL D 27 -13.30 11.16 -14.22
C VAL D 27 -12.43 10.99 -15.45
N GLN D 28 -12.76 10.01 -16.29
CA GLN D 28 -11.90 9.72 -17.43
C GLN D 28 -12.01 10.78 -18.52
N ILE D 29 -13.15 11.46 -18.61
CA ILE D 29 -13.26 12.56 -19.55
C ILE D 29 -12.55 13.79 -19.02
N LEU D 30 -12.75 14.14 -17.75
CA LEU D 30 -11.98 15.23 -17.15
C LEU D 30 -10.49 14.96 -17.25
N THR D 31 -10.10 13.70 -17.08
CA THR D 31 -8.68 13.33 -17.16
C THR D 31 -8.13 13.56 -18.56
N ASP D 32 -8.82 13.02 -19.58
CA ASP D 32 -8.35 13.15 -20.96
C ASP D 32 -8.29 14.60 -21.41
N ARG D 33 -9.19 15.45 -20.89
CA ARG D 33 -9.25 16.86 -21.26
C ARG D 33 -8.37 17.74 -20.38
N ASN D 34 -7.62 17.15 -19.44
CA ASN D 34 -6.68 17.89 -18.59
C ASN D 34 -7.36 18.98 -17.78
N VAL D 35 -8.48 18.63 -17.17
CA VAL D 35 -9.28 19.58 -16.40
C VAL D 35 -8.91 19.49 -14.93
N ILE D 36 -8.87 20.63 -14.26
CA ILE D 36 -8.74 20.65 -12.80
C ILE D 36 -10.00 20.04 -12.22
N PHE D 37 -9.86 18.91 -11.52
CA PHE D 37 -10.99 18.32 -10.83
C PHE D 37 -10.52 17.71 -9.52
N LYS D 38 -11.45 17.63 -8.56
CA LYS D 38 -11.18 17.14 -7.22
C LYS D 38 -12.08 15.95 -6.94
N ASP D 39 -11.48 14.80 -6.62
CA ASP D 39 -12.20 13.55 -6.41
C ASP D 39 -11.72 12.95 -5.09
N ARG D 40 -12.57 13.03 -4.06
CA ARG D 40 -12.30 12.40 -2.78
C ARG D 40 -12.95 11.03 -2.66
N TYR D 41 -13.22 10.38 -3.79
CA TYR D 41 -13.75 9.01 -3.83
C TYR D 41 -15.00 8.87 -2.96
N LEU D 42 -15.91 9.82 -3.09
CA LEU D 42 -17.11 9.85 -2.27
C LEU D 42 -18.11 8.80 -2.74
N GLN D 43 -19.05 8.48 -1.87
CA GLN D 43 -20.13 7.56 -2.18
C GLN D 43 -21.46 8.34 -2.27
N TRP D 44 -22.55 7.60 -2.51
CA TRP D 44 -23.83 8.25 -2.76
C TRP D 44 -24.37 8.95 -1.53
N ASP D 45 -24.02 8.48 -0.33
CA ASP D 45 -24.61 9.01 0.88
C ASP D 45 -23.67 9.89 1.71
N ASN D 46 -22.45 10.15 1.23
CA ASN D 46 -21.62 11.18 1.86
C ASN D 46 -21.14 12.19 0.83
N ALA D 47 -21.91 12.39 -0.24
CA ALA D 47 -21.56 13.35 -1.29
C ALA D 47 -22.00 14.76 -0.86
N LEU D 48 -21.22 15.33 0.04
CA LEU D 48 -21.49 16.66 0.58
C LEU D 48 -20.52 17.66 -0.02
N LEU D 49 -21.02 18.88 -0.28
CA LEU D 49 -20.14 19.93 -0.76
C LEU D 49 -19.06 20.27 0.26
N SER D 50 -19.35 20.07 1.55
CA SER D 50 -18.37 20.33 2.59
C SER D 50 -17.18 19.38 2.51
N GLN D 51 -17.32 18.25 1.81
CA GLN D 51 -16.19 17.37 1.58
C GLN D 51 -15.04 18.09 0.89
N TYR D 52 -15.34 19.15 0.13
CA TYR D 52 -14.35 19.89 -0.64
C TYR D 52 -14.13 21.31 -0.09
N GLU D 53 -14.16 21.44 1.24
CA GLU D 53 -13.98 22.76 1.86
C GLU D 53 -12.56 23.28 1.64
N GLU D 54 -11.57 22.38 1.66
CA GLU D 54 -10.21 22.78 1.34
C GLU D 54 -10.15 23.49 -0.01
N GLU D 55 -10.82 22.93 -1.01
CA GLU D 55 -10.85 23.55 -2.32
C GLU D 55 -11.87 24.69 -2.39
N ILE D 56 -12.90 24.66 -1.54
CA ILE D 56 -13.91 25.71 -1.55
C ILE D 56 -13.34 27.02 -1.04
N GLN D 57 -12.30 26.97 -0.21
CA GLN D 57 -11.63 28.20 0.20
C GLN D 57 -10.56 28.63 -0.81
N GLN D 58 -10.02 27.70 -1.59
CA GLN D 58 -8.86 27.99 -2.43
C GLN D 58 -9.26 28.62 -3.77
N TYR D 59 -10.35 28.15 -4.38
CA TYR D 59 -10.84 28.64 -5.66
C TYR D 59 -12.16 29.40 -5.57
N GLY D 60 -12.85 29.33 -4.44
CA GLY D 60 -14.17 29.95 -4.32
C GLY D 60 -14.07 31.46 -4.20
N ASN D 61 -14.96 32.16 -4.92
CA ASN D 61 -14.98 33.61 -5.00
C ASN D 61 -13.70 34.18 -5.59
N LYS D 62 -12.90 33.35 -6.26
CA LYS D 62 -11.73 33.79 -6.99
C LYS D 62 -12.12 34.00 -8.44
N GLU D 63 -11.94 35.24 -8.92
CA GLU D 63 -12.56 35.69 -10.17
C GLU D 63 -12.34 34.78 -11.37
N PRO D 64 -11.12 34.29 -11.66
CA PRO D 64 -10.94 33.52 -12.91
C PRO D 64 -11.69 32.20 -12.97
N PHE D 65 -12.06 31.63 -11.83
CA PHE D 65 -12.44 30.22 -11.76
C PHE D 65 -13.94 30.04 -11.65
N ILE D 66 -14.46 29.02 -12.33
CA ILE D 66 -15.80 28.51 -12.13
C ILE D 66 -15.69 27.16 -11.43
N ILE D 67 -16.45 26.97 -10.37
CA ILE D 67 -16.47 25.71 -9.63
C ILE D 67 -17.72 24.95 -10.02
N TYR D 68 -17.53 23.73 -10.53
CA TYR D 68 -18.63 22.86 -10.93
C TYR D 68 -18.77 21.74 -9.91
N GLY D 69 -19.87 21.74 -9.17
CA GLY D 69 -20.15 20.66 -8.24
C GLY D 69 -20.97 19.58 -8.88
N VAL D 70 -20.40 18.39 -9.02
CA VAL D 70 -21.04 17.29 -9.73
C VAL D 70 -21.78 16.43 -8.71
N GLU D 71 -23.10 16.63 -8.62
CA GLU D 71 -23.98 15.85 -7.75
C GLU D 71 -23.52 15.91 -6.30
N LEU D 72 -23.45 17.13 -5.77
CA LEU D 72 -23.03 17.37 -4.40
C LEU D 72 -24.11 18.13 -3.66
N LYS D 73 -24.51 17.61 -2.50
CA LYS D 73 -25.49 18.30 -1.67
C LYS D 73 -24.83 19.55 -1.08
N GLU D 74 -25.54 20.68 -1.15
CA GLU D 74 -25.00 21.95 -0.66
C GLU D 74 -25.33 22.11 0.82
N ASP D 75 -24.68 21.27 1.62
CA ASP D 75 -24.78 21.37 3.07
C ASP D 75 -24.04 22.58 3.62
N ILE D 76 -23.21 23.22 2.81
CA ILE D 76 -22.60 24.50 3.15
C ILE D 76 -22.93 25.49 2.03
N THR D 77 -22.87 26.77 2.36
CA THR D 77 -23.20 27.81 1.39
C THR D 77 -22.17 27.83 0.27
N PRO D 78 -22.58 27.61 -0.98
CA PRO D 78 -21.60 27.62 -2.07
C PRO D 78 -21.12 29.02 -2.35
N PRO D 79 -19.89 29.18 -2.86
CA PRO D 79 -19.41 30.52 -3.23
C PRO D 79 -20.11 31.04 -4.47
N THR D 80 -19.82 32.29 -4.86
CA THR D 80 -20.52 32.90 -5.99
C THR D 80 -20.06 32.32 -7.33
N ASN D 81 -18.87 31.74 -7.40
CA ASN D 81 -18.37 31.13 -8.63
C ASN D 81 -18.61 29.62 -8.66
N TYR D 82 -19.70 29.16 -8.05
CA TYR D 82 -20.06 27.76 -8.00
C TYR D 82 -21.31 27.50 -8.82
N ILE D 83 -21.27 26.48 -9.67
CA ILE D 83 -22.40 26.08 -10.50
C ILE D 83 -22.72 24.62 -10.18
N ARG D 84 -24.00 24.35 -9.89
CA ARG D 84 -24.44 23.01 -9.53
C ARG D 84 -24.68 22.19 -10.78
N ILE D 85 -24.01 21.03 -10.88
CA ILE D 85 -24.23 20.06 -11.94
C ILE D 85 -24.94 18.88 -11.30
N ASP D 86 -26.24 18.76 -11.57
CA ASP D 86 -27.04 17.72 -10.93
C ASP D 86 -28.20 17.35 -11.83
N HIS D 87 -28.83 16.21 -11.52
CA HIS D 87 -29.97 15.71 -12.28
C HIS D 87 -30.93 14.98 -11.37
N HIS D 88 -31.05 15.44 -10.13
CA HIS D 88 -31.94 14.83 -9.14
C HIS D 88 -32.97 15.85 -8.66
N ASN D 89 -34.04 15.31 -8.06
CA ASN D 89 -35.08 16.08 -7.39
C ASN D 89 -35.70 17.05 -8.39
N GLU D 90 -35.62 18.37 -8.20
CA GLU D 90 -36.25 19.29 -9.13
C GLU D 90 -35.58 19.29 -10.50
N TYR D 91 -34.37 18.74 -10.61
CA TYR D 91 -33.66 18.64 -11.87
C TYR D 91 -33.64 17.22 -12.41
N ALA D 92 -34.61 16.40 -12.00
CA ALA D 92 -34.74 15.04 -12.51
C ALA D 92 -34.99 15.01 -14.03
N THR D 93 -35.50 16.10 -14.60
CA THR D 93 -35.73 16.17 -16.04
C THR D 93 -34.48 16.58 -16.80
N TYR D 94 -33.37 16.83 -16.11
CA TYR D 94 -32.15 17.31 -16.73
C TYR D 94 -31.34 16.15 -17.32
N PRO D 95 -30.46 16.43 -18.28
CA PRO D 95 -29.55 15.40 -18.75
C PRO D 95 -28.63 14.94 -17.63
N SER D 96 -28.05 13.77 -17.81
CA SER D 96 -27.16 13.19 -16.81
C SER D 96 -25.98 14.13 -16.55
N ALA D 97 -25.37 13.96 -15.37
CA ALA D 97 -24.22 14.79 -15.01
C ALA D 97 -23.10 14.66 -16.03
N LEU D 98 -22.89 13.44 -16.54
CA LEU D 98 -21.91 13.23 -17.60
C LEU D 98 -22.20 14.11 -18.82
N GLU D 99 -23.46 14.11 -19.28
CA GLU D 99 -23.82 14.92 -20.43
C GLU D 99 -23.60 16.40 -20.14
N GLN D 100 -23.95 16.85 -18.94
CA GLN D 100 -23.76 18.26 -18.61
C GLN D 100 -22.28 18.62 -18.55
N VAL D 101 -21.46 17.73 -17.99
CA VAL D 101 -20.02 17.98 -17.95
C VAL D 101 -19.43 17.99 -19.35
N ALA D 102 -19.82 17.01 -20.17
CA ALA D 102 -19.30 16.92 -21.53
C ALA D 102 -19.68 18.15 -22.35
N SER D 103 -20.87 18.71 -22.13
CA SER D 103 -21.26 19.93 -22.84
C SER D 103 -20.39 21.10 -22.42
N ILE D 104 -20.08 21.19 -21.11
CA ILE D 104 -19.21 22.26 -20.62
C ILE D 104 -17.83 22.18 -21.26
N LEU D 105 -17.36 20.96 -21.54
CA LEU D 105 -16.05 20.74 -22.12
C LEU D 105 -16.08 20.66 -23.65
N ASP D 106 -17.24 20.85 -24.27
CA ASP D 106 -17.40 20.66 -25.71
C ASP D 106 -16.91 19.27 -26.13
N HIS D 107 -17.17 18.28 -25.27
CA HIS D 107 -16.70 16.92 -25.50
C HIS D 107 -17.82 16.10 -26.15
N PRO D 108 -17.60 15.55 -27.34
CA PRO D 108 -18.63 14.68 -27.95
C PRO D 108 -18.57 13.29 -27.34
N LEU D 109 -19.73 12.81 -26.88
CA LEU D 109 -19.79 11.49 -26.24
C LEU D 109 -19.70 10.40 -27.29
N ASN D 110 -18.82 9.42 -27.07
CA ASN D 110 -18.75 8.27 -27.94
C ASN D 110 -19.92 7.35 -27.64
N ARG D 111 -19.93 6.16 -28.27
CA ARG D 111 -21.04 5.23 -28.08
C ARG D 111 -21.10 4.71 -26.65
N TYR D 112 -19.95 4.35 -26.08
CA TYR D 112 -19.91 3.85 -24.71
C TYR D 112 -20.45 4.88 -23.74
N GLN D 113 -19.98 6.13 -23.84
CA GLN D 113 -20.39 7.17 -22.91
C GLN D 113 -21.85 7.53 -23.06
N THR D 114 -22.40 7.46 -24.28
CA THR D 114 -23.82 7.67 -24.47
C THR D 114 -24.63 6.62 -23.74
N LEU D 115 -24.14 5.37 -23.72
CA LEU D 115 -24.83 4.32 -22.97
C LEU D 115 -24.65 4.51 -21.47
N VAL D 116 -23.49 4.99 -21.04
CA VAL D 116 -23.28 5.28 -19.63
C VAL D 116 -24.25 6.35 -19.15
N ALA D 117 -24.41 7.41 -19.95
CA ALA D 117 -25.34 8.48 -19.58
C ALA D 117 -26.78 7.98 -19.59
N ALA D 118 -27.14 7.14 -20.55
CA ALA D 118 -28.49 6.60 -20.61
C ALA D 118 -28.77 5.68 -19.43
N ASN D 119 -27.80 4.81 -19.10
CA ASN D 119 -27.94 3.97 -17.91
C ASN D 119 -28.09 4.81 -16.65
N ALA D 120 -27.36 5.92 -16.57
CA ALA D 120 -27.46 6.78 -15.40
C ALA D 120 -28.83 7.46 -15.32
N LYS D 121 -29.38 7.88 -16.46
CA LYS D 121 -30.63 8.65 -16.46
C LYS D 121 -31.87 7.78 -16.56
N ALA D 122 -31.79 6.65 -17.26
CA ALA D 122 -32.98 5.83 -17.43
C ALA D 122 -32.62 4.35 -17.45
N TYR D 123 -31.56 3.94 -16.75
CA TYR D 123 -31.30 2.54 -16.44
C TYR D 123 -31.32 1.72 -17.73
N ILE D 124 -31.75 0.47 -17.63
CA ILE D 124 -31.73 -0.42 -18.79
C ILE D 124 -32.71 0.02 -19.87
N PRO D 125 -33.93 0.47 -19.54
CA PRO D 125 -34.80 1.03 -20.59
C PRO D 125 -34.16 2.19 -21.35
N GLY D 126 -33.36 3.02 -20.68
CA GLY D 126 -32.70 4.10 -21.36
C GLY D 126 -31.67 3.64 -22.36
N MET D 127 -31.00 2.52 -22.08
CA MET D 127 -30.03 1.98 -23.04
C MET D 127 -30.71 1.25 -24.17
N LEU D 128 -31.85 0.60 -23.90
CA LEU D 128 -32.61 -0.05 -24.97
C LEU D 128 -33.08 0.96 -26.02
N GLU D 129 -33.48 2.15 -25.56
CA GLU D 129 -34.02 3.16 -26.47
C GLU D 129 -32.94 3.80 -27.34
N ILE D 130 -31.66 3.58 -27.04
CA ILE D 130 -30.57 3.96 -27.94
C ILE D 130 -29.91 2.73 -28.56
N GLY D 131 -30.60 1.60 -28.54
CA GLY D 131 -30.18 0.43 -29.31
C GLY D 131 -29.09 -0.41 -28.68
N ALA D 132 -29.15 -0.61 -27.37
CA ALA D 132 -28.10 -1.36 -26.70
C ALA D 132 -28.23 -2.85 -26.98
N SER D 133 -27.13 -3.56 -26.76
CA SER D 133 -27.08 -5.00 -26.94
C SER D 133 -27.24 -5.70 -25.59
N HIS D 134 -27.20 -7.03 -25.61
CA HIS D 134 -27.27 -7.77 -24.36
C HIS D 134 -25.98 -7.64 -23.58
N GLU D 135 -24.84 -7.62 -24.26
CA GLU D 135 -23.56 -7.49 -23.55
C GLU D 135 -23.26 -6.04 -23.19
N GLU D 136 -23.71 -5.08 -24.00
CA GLU D 136 -23.57 -3.67 -23.61
C GLU D 136 -24.33 -3.39 -22.33
N ILE D 137 -25.58 -3.85 -22.25
CA ILE D 137 -26.36 -3.71 -21.02
C ILE D 137 -25.68 -4.45 -19.88
N ASN D 138 -25.19 -5.67 -20.15
CA ASN D 138 -24.54 -6.44 -19.09
C ASN D 138 -23.20 -5.83 -18.70
N LEU D 139 -22.43 -5.33 -19.66
CA LEU D 139 -21.15 -4.72 -19.34
C LEU D 139 -21.34 -3.42 -18.56
N ILE D 140 -22.31 -2.61 -18.97
CA ILE D 140 -22.59 -1.37 -18.25
C ILE D 140 -23.07 -1.67 -16.84
N ARG D 141 -24.05 -2.58 -16.72
CA ARG D 141 -24.56 -2.95 -15.40
C ARG D 141 -23.46 -3.49 -14.50
N GLN D 142 -22.53 -4.28 -15.07
CA GLN D 142 -21.43 -4.79 -14.27
C GLN D 142 -20.54 -3.66 -13.77
N GLU D 143 -20.20 -2.72 -14.64
CA GLU D 143 -19.29 -1.64 -14.26
C GLU D 143 -19.96 -0.67 -13.31
N ASP D 144 -21.26 -0.40 -13.53
CA ASP D 144 -22.00 0.43 -12.58
C ASP D 144 -21.95 -0.17 -11.19
N ARG D 145 -22.19 -1.49 -11.08
CA ARG D 145 -22.19 -2.13 -9.78
C ARG D 145 -20.81 -2.13 -9.14
N LYS D 146 -19.76 -2.38 -9.92
CA LYS D 146 -18.42 -2.29 -9.37
C LYS D 146 -18.08 -0.86 -8.97
N ALA D 147 -18.50 0.11 -9.79
CA ALA D 147 -18.20 1.50 -9.49
C ALA D 147 -18.98 1.99 -8.28
N GLN D 148 -20.12 1.38 -7.98
CA GLN D 148 -20.88 1.71 -6.78
C GLN D 148 -20.27 1.10 -5.52
N GLY D 149 -19.37 0.14 -5.67
CA GLY D 149 -18.75 -0.49 -4.52
C GLY D 149 -19.39 -1.77 -4.06
N VAL D 150 -20.21 -2.42 -4.89
CA VAL D 150 -20.79 -3.69 -4.49
C VAL D 150 -19.74 -4.78 -4.63
N ILE D 151 -19.61 -5.60 -3.58
CA ILE D 151 -18.70 -6.73 -3.62
C ILE D 151 -19.51 -8.01 -3.44
N GLU D 152 -18.82 -9.14 -3.29
CA GLU D 152 -19.52 -10.41 -3.15
C GLU D 152 -20.46 -10.42 -1.95
N ASP D 153 -20.13 -9.64 -0.92
CA ASP D 153 -20.98 -9.60 0.27
C ASP D 153 -22.34 -8.99 -0.02
N ASP D 154 -22.40 -8.03 -0.96
CA ASP D 154 -23.68 -7.41 -1.31
C ASP D 154 -24.51 -8.34 -2.20
N GLU D 155 -23.85 -9.06 -3.10
CA GLU D 155 -24.54 -10.04 -3.95
C GLU D 155 -25.10 -11.20 -3.13
N LYS D 156 -24.48 -11.52 -2.00
CA LYS D 156 -25.01 -12.59 -1.15
C LYS D 156 -26.31 -12.16 -0.49
N LEU D 157 -26.34 -10.97 0.09
CA LEU D 157 -27.56 -10.46 0.71
C LEU D 157 -28.64 -10.20 -0.33
N ALA D 158 -28.24 -9.86 -1.56
CA ALA D 158 -29.21 -9.61 -2.62
C ALA D 158 -29.98 -10.88 -2.96
N GLN D 159 -29.25 -11.99 -3.15
CA GLN D 159 -29.90 -13.27 -3.42
C GLN D 159 -30.80 -13.69 -2.25
N GLU D 160 -30.33 -13.47 -1.02
CA GLU D 160 -31.13 -13.79 0.15
C GLU D 160 -32.43 -13.01 0.18
N ALA D 161 -32.39 -11.73 -0.18
CA ALA D 161 -33.59 -10.90 -0.17
C ALA D 161 -34.55 -11.31 -1.28
N ILE D 162 -34.02 -11.68 -2.44
CA ILE D 162 -34.90 -12.12 -3.52
C ILE D 162 -35.53 -13.46 -3.22
N THR D 163 -34.81 -14.32 -2.48
CA THR D 163 -35.32 -15.65 -2.20
C THR D 163 -36.27 -15.66 -1.01
N ASN D 164 -35.93 -14.93 0.06
CA ASN D 164 -36.70 -14.98 1.30
C ASN D 164 -37.34 -13.65 1.69
N GLY D 165 -37.12 -12.58 0.93
CA GLY D 165 -37.67 -11.31 1.33
C GLY D 165 -38.47 -10.58 0.27
N THR D 166 -38.99 -11.32 -0.71
CA THR D 166 -39.71 -10.75 -1.83
C THR D 166 -41.14 -11.28 -1.85
N GLU D 167 -42.10 -10.37 -1.88
CA GLU D 167 -43.50 -10.70 -2.12
C GLU D 167 -44.06 -9.81 -3.21
N LYS D 168 -45.15 -10.26 -3.83
CA LYS D 168 -45.70 -9.60 -5.00
C LYS D 168 -47.13 -9.16 -4.71
N ILE D 169 -47.38 -7.86 -4.85
CA ILE D 169 -48.69 -7.27 -4.62
C ILE D 169 -49.08 -6.56 -5.91
N GLY D 170 -49.94 -7.18 -6.72
CA GLY D 170 -50.28 -6.60 -8.01
C GLY D 170 -49.06 -6.55 -8.90
N SER D 171 -48.75 -5.35 -9.40
CA SER D 171 -47.59 -5.13 -10.26
C SER D 171 -46.38 -4.62 -9.46
N LEU D 172 -46.40 -4.76 -8.15
CA LEU D 172 -45.37 -4.17 -7.28
C LEU D 172 -44.61 -5.28 -6.57
N TYR D 173 -43.29 -5.29 -6.75
CA TYR D 173 -42.40 -6.14 -5.96
C TYR D 173 -42.03 -5.41 -4.68
N VAL D 174 -42.19 -6.09 -3.55
CA VAL D 174 -41.80 -5.55 -2.25
C VAL D 174 -40.70 -6.47 -1.70
N VAL D 175 -39.51 -5.91 -1.50
CA VAL D 175 -38.35 -6.68 -1.09
C VAL D 175 -37.83 -6.09 0.22
N PHE D 176 -37.88 -6.89 1.29
CA PHE D 176 -37.21 -6.54 2.53
C PHE D 176 -35.79 -7.07 2.50
N THR D 177 -34.84 -6.23 2.89
CA THR D 177 -33.43 -6.58 2.84
C THR D 177 -32.73 -5.82 3.94
N THR D 178 -31.63 -6.39 4.43
CA THR D 178 -30.71 -5.66 5.28
C THR D 178 -29.44 -5.31 4.52
N ALA D 179 -29.49 -5.41 3.20
CA ALA D 179 -28.35 -5.08 2.36
C ALA D 179 -28.08 -3.58 2.37
N ASN D 180 -26.83 -3.24 2.05
CA ASN D 180 -26.40 -1.85 1.93
C ASN D 180 -26.68 -1.27 0.56
N LYS D 181 -26.45 -2.07 -0.49
CA LYS D 181 -26.45 -1.58 -1.86
C LYS D 181 -27.48 -2.39 -2.64
N PHE D 182 -28.39 -1.69 -3.31
CA PHE D 182 -29.59 -2.31 -3.84
C PHE D 182 -29.51 -2.67 -5.33
N SER D 183 -28.50 -2.14 -6.03
CA SER D 183 -28.40 -2.45 -7.45
C SER D 183 -28.30 -3.93 -7.77
N PRO D 184 -27.67 -4.80 -6.95
CA PRO D 184 -27.75 -6.24 -7.25
C PRO D 184 -29.17 -6.78 -7.23
N ILE D 185 -30.05 -6.24 -6.38
CA ILE D 185 -31.43 -6.68 -6.37
C ILE D 185 -32.16 -6.19 -7.63
N CYS D 186 -31.99 -4.91 -7.97
CA CYS D 186 -32.67 -4.36 -9.14
C CYS D 186 -32.29 -5.11 -10.41
N ASP D 187 -30.98 -5.33 -10.61
CA ASP D 187 -30.52 -5.92 -11.86
C ASP D 187 -30.98 -7.36 -12.01
N ARG D 188 -31.04 -8.12 -10.91
CA ARG D 188 -31.56 -9.47 -10.99
C ARG D 188 -33.06 -9.47 -11.27
N LEU D 189 -33.81 -8.56 -10.63
CA LEU D 189 -35.26 -8.56 -10.76
C LEU D 189 -35.75 -7.94 -12.06
N TYR D 190 -34.93 -7.16 -12.74
CA TYR D 190 -35.34 -6.63 -14.03
C TYR D 190 -35.57 -7.76 -15.02
N PRO D 191 -36.64 -7.70 -15.83
CA PRO D 191 -37.64 -6.64 -15.96
C PRO D 191 -38.66 -6.62 -14.82
N TYR D 192 -39.08 -5.41 -14.45
CA TYR D 192 -40.17 -5.20 -13.50
C TYR D 192 -40.83 -3.87 -13.80
N GLU D 193 -42.10 -3.76 -13.39
CA GLU D 193 -42.84 -2.51 -13.53
C GLU D 193 -42.65 -1.61 -12.32
N LYS D 194 -42.79 -2.16 -11.11
CA LYS D 194 -42.62 -1.44 -9.87
C LYS D 194 -41.84 -2.30 -8.89
N LEU D 195 -40.91 -1.68 -8.16
CA LEU D 195 -40.06 -2.40 -7.22
C LEU D 195 -39.86 -1.54 -5.99
N LEU D 196 -40.24 -2.08 -4.83
CA LEU D 196 -40.08 -1.38 -3.55
C LEU D 196 -39.13 -2.18 -2.67
N ILE D 197 -37.98 -1.58 -2.35
CA ILE D 197 -36.98 -2.18 -1.47
C ILE D 197 -36.94 -1.38 -0.18
N TYR D 198 -37.08 -2.05 0.96
CA TYR D 198 -37.03 -1.36 2.24
C TYR D 198 -36.19 -2.15 3.22
N THR D 199 -35.61 -1.42 4.19
CA THR D 199 -34.74 -1.93 5.23
C THR D 199 -35.29 -1.48 6.58
N PRO D 200 -34.66 -1.83 7.71
CA PRO D 200 -35.13 -1.28 8.98
C PRO D 200 -35.08 0.24 9.08
N ASN D 201 -34.30 0.93 8.23
CA ASN D 201 -34.28 2.39 8.33
C ASN D 201 -34.06 3.08 6.97
N GLU D 202 -34.43 2.46 5.86
CA GLU D 202 -34.23 3.03 4.54
C GLU D 202 -35.18 2.36 3.56
N LEU D 203 -35.67 3.13 2.59
CA LEU D 203 -36.53 2.59 1.55
C LEU D 203 -36.29 3.35 0.26
N ILE D 204 -36.35 2.63 -0.86
CA ILE D 204 -36.24 3.21 -2.20
C ILE D 204 -37.22 2.51 -3.11
N TYR D 205 -38.00 3.29 -3.86
CA TYR D 205 -38.97 2.78 -4.81
C TYR D 205 -38.38 2.87 -6.23
N TYR D 206 -38.62 1.84 -7.03
CA TYR D 206 -38.20 1.83 -8.42
C TYR D 206 -39.39 1.56 -9.30
N GLY D 207 -39.63 2.43 -10.27
CA GLY D 207 -40.63 2.13 -11.27
C GLY D 207 -41.60 3.26 -11.46
N LYS D 208 -42.78 2.87 -11.93
CA LYS D 208 -43.74 3.82 -12.49
C LYS D 208 -44.50 4.52 -11.37
N GLY D 209 -44.68 5.83 -11.55
CA GLY D 209 -45.39 6.67 -10.57
C GLY D 209 -44.63 7.12 -9.33
N ILE D 210 -43.42 7.66 -9.46
CA ILE D 210 -42.68 8.11 -8.28
C ILE D 210 -43.29 9.38 -7.66
N ASN D 211 -44.08 10.14 -8.43
CA ASN D 211 -44.76 11.30 -7.86
C ASN D 211 -45.84 10.86 -6.89
N SER D 212 -46.57 9.80 -7.23
CA SER D 212 -47.52 9.22 -6.27
C SER D 212 -46.79 8.67 -5.05
N ILE D 213 -45.56 8.19 -5.23
CA ILE D 213 -44.75 7.78 -4.09
C ILE D 213 -44.24 9.01 -3.33
N GLN D 214 -43.90 10.08 -4.07
CA GLN D 214 -43.40 11.28 -3.42
C GLN D 214 -44.45 11.87 -2.48
N LYS D 215 -45.71 11.87 -2.91
CA LYS D 215 -46.79 12.34 -2.04
C LYS D 215 -46.82 11.57 -0.73
N ILE D 216 -46.71 10.23 -0.80
CA ILE D 216 -46.72 9.41 0.40
C ILE D 216 -45.57 9.79 1.33
N LEU D 217 -44.36 9.89 0.78
CA LEU D 217 -43.19 10.18 1.62
C LEU D 217 -43.26 11.57 2.24
N LYS D 218 -43.86 12.53 1.53
CA LYS D 218 -43.97 13.88 2.06
C LYS D 218 -44.85 13.96 3.30
N ARG D 219 -45.71 12.97 3.50
CA ARG D 219 -46.60 12.94 4.66
C ARG D 219 -45.95 12.26 5.86
N TYR D 220 -44.70 11.81 5.71
CA TYR D 220 -43.95 11.16 6.77
C TYR D 220 -42.63 11.82 7.10
N THR D 221 -42.00 12.54 6.17
CA THR D 221 -40.67 13.08 6.39
C THR D 221 -40.50 14.32 5.52
N PRO D 222 -39.66 15.27 5.93
CA PRO D 222 -39.44 16.47 5.12
C PRO D 222 -38.78 16.15 3.79
N ILE D 223 -38.97 17.06 2.83
CA ILE D 223 -38.42 16.90 1.49
C ILE D 223 -36.90 16.83 1.51
N SER D 224 -36.27 17.32 2.58
CA SER D 224 -34.82 17.27 2.71
C SER D 224 -34.31 15.86 2.96
N ASN D 225 -35.18 14.91 3.27
CA ASN D 225 -34.81 13.52 3.44
C ASN D 225 -35.24 12.65 2.27
N ILE D 226 -35.67 13.26 1.17
CA ILE D 226 -36.22 12.54 0.02
C ILE D 226 -35.44 12.94 -1.22
N PHE D 227 -34.98 11.93 -1.98
CA PHE D 227 -34.30 12.15 -3.25
C PHE D 227 -34.97 11.29 -4.32
N TRP D 228 -34.95 11.78 -5.56
CA TRP D 228 -35.56 11.03 -6.65
C TRP D 228 -34.92 11.44 -7.97
N GLY D 229 -35.02 10.53 -8.95
CA GLY D 229 -34.54 10.81 -10.29
C GLY D 229 -34.96 9.71 -11.23
N GLY D 230 -34.52 9.84 -12.48
CA GLY D 230 -34.74 8.81 -13.47
C GLY D 230 -36.02 8.92 -14.27
N GLY D 231 -36.66 10.09 -14.29
CA GLY D 231 -37.85 10.28 -15.11
C GLY D 231 -39.13 9.86 -14.42
N ILE D 232 -40.20 9.79 -15.23
CA ILE D 232 -41.53 9.43 -14.72
C ILE D 232 -41.49 8.10 -13.99
N ASN D 233 -40.74 7.14 -14.51
CA ASN D 233 -40.69 5.78 -13.99
C ASN D 233 -39.35 5.46 -13.34
N GLY D 234 -38.78 6.43 -12.62
CA GLY D 234 -37.45 6.28 -12.08
C GLY D 234 -37.38 5.72 -10.68
N PHE D 235 -36.62 6.39 -9.81
CA PHE D 235 -36.40 5.94 -8.45
C PHE D 235 -36.65 7.10 -7.49
N ILE D 236 -37.15 6.76 -6.31
CA ILE D 236 -37.37 7.75 -5.25
C ILE D 236 -37.18 7.05 -3.91
N GLY D 237 -36.42 7.68 -3.02
CA GLY D 237 -36.08 7.06 -1.76
C GLY D 237 -35.92 8.05 -0.63
N THR D 238 -35.72 7.51 0.55
CA THR D 238 -35.52 8.29 1.77
C THR D 238 -34.09 8.15 2.24
N VAL D 239 -33.54 9.24 2.79
CA VAL D 239 -32.19 9.20 3.32
C VAL D 239 -32.12 8.22 4.48
N ARG D 240 -31.03 7.47 4.55
CA ARG D 240 -30.87 6.41 5.53
C ARG D 240 -30.84 6.97 6.96
N ASN D 241 -31.49 6.25 7.87
CA ASN D 241 -31.52 6.57 9.31
C ASN D 241 -32.23 7.87 9.62
N ARG D 242 -33.03 8.39 8.70
CA ARG D 242 -33.83 9.58 8.96
C ARG D 242 -35.26 9.25 9.34
N LEU D 243 -35.70 8.02 9.09
CA LEU D 243 -37.04 7.56 9.42
C LEU D 243 -36.92 6.33 10.33
N THR D 244 -37.87 6.21 11.26
CA THR D 244 -37.89 5.03 12.11
C THR D 244 -38.39 3.82 11.33
N THR D 245 -38.14 2.64 11.88
CA THR D 245 -38.58 1.40 11.24
C THR D 245 -40.09 1.39 11.05
N ASN D 246 -40.85 1.82 12.06
CA ASN D 246 -42.30 1.83 11.95
C ASN D 246 -42.76 2.81 10.87
N GLU D 247 -42.06 3.94 10.72
CA GLU D 247 -42.40 4.85 9.63
C GLU D 247 -42.13 4.22 8.28
N ILE D 248 -41.02 3.48 8.16
CA ILE D 248 -40.76 2.72 6.94
C ILE D 248 -41.89 1.72 6.69
N LEU D 249 -42.25 0.97 7.74
CA LEU D 249 -43.30 -0.04 7.60
C LEU D 249 -44.64 0.60 7.23
N ASN D 250 -44.92 1.77 7.78
CA ASN D 250 -46.15 2.47 7.43
C ASN D 250 -46.14 2.86 5.95
N ILE D 251 -45.05 3.44 5.48
CA ILE D 251 -44.94 3.84 4.07
C ILE D 251 -45.06 2.62 3.16
N VAL D 252 -44.48 1.49 3.56
CA VAL D 252 -44.54 0.28 2.76
C VAL D 252 -45.99 -0.15 2.55
N GLU D 253 -46.80 -0.11 3.62
CA GLU D 253 -48.22 -0.41 3.47
C GLU D 253 -48.91 0.59 2.55
N GLN D 254 -48.49 1.86 2.59
CA GLN D 254 -49.10 2.86 1.71
C GLN D 254 -48.85 2.54 0.24
N ILE D 255 -47.62 2.14 -0.09
CA ILE D 255 -47.29 1.90 -1.49
C ILE D 255 -48.01 0.66 -2.00
N LYS D 256 -48.12 -0.37 -1.17
CA LYS D 256 -48.94 -1.53 -1.51
C LYS D 256 -50.40 -1.15 -1.71
N LEU D 257 -50.91 -0.22 -0.91
CA LEU D 257 -52.30 0.21 -1.03
C LEU D 257 -52.59 0.82 -2.39
N LEU D 258 -51.57 1.35 -3.08
CA LEU D 258 -51.74 1.87 -4.42
C LEU D 258 -51.98 0.77 -5.45
N GLU D 259 -51.82 -0.50 -5.07
CA GLU D 259 -52.05 -1.62 -5.97
C GLU D 259 -53.50 -2.07 -5.97
N LEU D 260 -54.36 -1.46 -5.15
CA LEU D 260 -55.78 -1.75 -5.17
C LEU D 260 -56.51 -0.69 -6.01
#